data_6LC7
#
_entry.id   6LC7
#
_cell.length_a   50.601
_cell.length_b   75.204
_cell.length_c   103.411
_cell.angle_alpha   90.000
_cell.angle_beta   95.100
_cell.angle_gamma   90.000
#
_symmetry.space_group_name_H-M   'P 1 21 1'
#
loop_
_entity.id
_entity.type
_entity.pdbx_description
1 polymer Beta-lactamase
2 non-polymer GLYCEROL
3 non-polymer 'SULFATE ION'
4 non-polymer '1,4-DIETHYLENE DIOXIDE'
5 water water
#
_entity_poly.entity_id   1
_entity_poly.type   'polypeptide(L)'
_entity_poly.pdbx_seq_one_letter_code
;MAPMSEKQLADVVERTVTPLMKAQAIPGMAVAVIYQGQPHYFTFGKADVAANKPVTPQTLFELGSVSKTFTGVLGGDAIA
RKEISLADPVTKYWPELTGKQWQGIRLLDLATYTAGGLPLQVPDNVTDNASLLRFYQSWQPKWAPGTTRLYANTSIGLFG
SLAVKPSGMRFEQAMAERVFKPLKLNHTWINVPHAEESHYAWGYREGKAVHVSPGMLDAEAYGVKSNVKDMASWVMANMA
PETLPPSTLQQGIALAQSRYWRVGAMYQGLGWEMLNWPVDVKTVVDGSDNKVALVPVAEVNPPAPPVKASWVHKTGSTGG
FGSYVAFIPEKQIGIVMLANKSYPNPVRVETAYRILETLQ
;
_entity_poly.pdbx_strand_id   A,B
#
# COMPACT_ATOMS: atom_id res chain seq x y z
N PRO A 3 5.66 31.98 0.64
CA PRO A 3 4.90 31.03 1.46
C PRO A 3 3.43 30.96 1.05
N MET A 4 2.75 29.88 1.43
CA MET A 4 1.34 29.74 1.09
C MET A 4 0.48 30.57 2.03
N SER A 5 -0.51 31.24 1.46
CA SER A 5 -1.48 31.96 2.26
C SER A 5 -2.39 30.97 3.00
N GLU A 6 -3.14 31.49 3.97
CA GLU A 6 -4.09 30.65 4.70
C GLU A 6 -5.14 30.08 3.76
N LYS A 7 -5.60 30.87 2.78
CA LYS A 7 -6.59 30.37 1.83
C LYS A 7 -6.00 29.32 0.92
N GLN A 8 -4.75 29.50 0.48
CA GLN A 8 -4.09 28.48 -0.33
C GLN A 8 -3.90 27.19 0.44
N LEU A 9 -3.52 27.28 1.71
CA LEU A 9 -3.35 26.09 2.52
C LEU A 9 -4.70 25.39 2.77
N ALA A 10 -5.74 26.17 3.06
CA ALA A 10 -7.07 25.58 3.24
C ALA A 10 -7.50 24.82 2.00
N ASP A 11 -7.18 25.35 0.81
CA ASP A 11 -7.57 24.67 -0.42
C ASP A 11 -6.80 23.36 -0.58
N VAL A 12 -5.50 23.37 -0.29
CA VAL A 12 -4.72 22.13 -0.33
C VAL A 12 -5.33 21.08 0.59
N VAL A 13 -5.63 21.46 1.84
CA VAL A 13 -6.17 20.48 2.78
C VAL A 13 -7.55 19.99 2.34
N GLU A 14 -8.44 20.92 1.97
N GLU A 14 -8.43 20.91 1.96
CA GLU A 14 -9.79 20.51 1.59
CA GLU A 14 -9.80 20.54 1.58
C GLU A 14 -9.78 19.61 0.36
C GLU A 14 -9.80 19.65 0.35
N ARG A 15 -8.98 19.98 -0.66
CA ARG A 15 -8.97 19.19 -1.89
C ARG A 15 -8.42 17.78 -1.66
N THR A 16 -7.59 17.60 -0.63
CA THR A 16 -7.07 16.28 -0.32
C THR A 16 -8.02 15.50 0.57
N VAL A 17 -8.53 16.14 1.63
CA VAL A 17 -9.28 15.43 2.65
C VAL A 17 -10.68 15.06 2.18
N THR A 18 -11.33 15.94 1.42
CA THR A 18 -12.71 15.67 0.99
C THR A 18 -12.85 14.36 0.23
N PRO A 19 -12.12 14.11 -0.86
CA PRO A 19 -12.27 12.82 -1.56
C PRO A 19 -11.79 11.65 -0.74
N LEU A 20 -10.80 11.87 0.13
CA LEU A 20 -10.35 10.81 1.02
C LEU A 20 -11.49 10.35 1.95
N MET A 21 -12.17 11.31 2.58
CA MET A 21 -13.25 10.95 3.51
C MET A 21 -14.37 10.24 2.79
N LYS A 22 -14.71 10.68 1.57
N LYS A 22 -14.71 10.68 1.57
CA LYS A 22 -15.78 10.04 0.81
CA LYS A 22 -15.78 10.03 0.84
C LYS A 22 -15.41 8.60 0.47
C LYS A 22 -15.41 8.60 0.47
N ALA A 23 -14.17 8.40 -0.02
CA ALA A 23 -13.77 7.06 -0.45
C ALA A 23 -13.63 6.09 0.70
N GLN A 24 -13.19 6.58 1.87
CA GLN A 24 -12.97 5.72 3.02
C GLN A 24 -14.18 5.63 3.93
N ALA A 25 -15.23 6.42 3.66
CA ALA A 25 -16.38 6.51 4.55
C ALA A 25 -15.96 6.93 5.96
N ILE A 26 -15.07 7.91 6.05
CA ILE A 26 -14.69 8.52 7.32
C ILE A 26 -15.71 9.60 7.64
N PRO A 27 -16.47 9.51 8.75
CA PRO A 27 -17.49 10.55 9.00
C PRO A 27 -16.92 11.92 9.31
N GLY A 28 -15.81 11.98 10.04
CA GLY A 28 -15.29 13.25 10.53
C GLY A 28 -13.79 13.26 10.66
N MET A 29 -13.18 14.40 10.37
N MET A 29 -13.18 14.42 10.41
CA MET A 29 -11.74 14.57 10.52
CA MET A 29 -11.74 14.53 10.52
C MET A 29 -11.45 15.96 11.06
C MET A 29 -11.35 15.95 10.94
N ALA A 30 -10.39 16.03 11.87
CA ALA A 30 -9.80 17.30 12.29
C ALA A 30 -8.33 17.27 11.91
N VAL A 31 -7.85 18.32 11.26
CA VAL A 31 -6.48 18.41 10.78
C VAL A 31 -5.86 19.68 11.35
N ALA A 32 -4.63 19.57 11.82
CA ALA A 32 -3.81 20.74 12.13
C ALA A 32 -2.55 20.68 11.29
N VAL A 33 -2.21 21.78 10.63
CA VAL A 33 -0.93 21.92 9.96
C VAL A 33 -0.10 22.90 10.77
N ILE A 34 1.16 22.54 11.04
CA ILE A 34 2.08 23.43 11.73
C ILE A 34 2.97 24.03 10.65
N TYR A 35 2.95 25.37 10.54
CA TYR A 35 3.62 26.05 9.43
C TYR A 35 3.89 27.49 9.85
N GLN A 36 5.11 27.96 9.62
CA GLN A 36 5.53 29.32 9.99
C GLN A 36 5.34 29.57 11.48
N GLY A 37 5.51 28.54 12.30
CA GLY A 37 5.38 28.66 13.74
C GLY A 37 3.96 28.66 14.27
N GLN A 38 2.96 28.48 13.40
CA GLN A 38 1.57 28.61 13.79
C GLN A 38 0.81 27.32 13.53
N PRO A 39 -0.19 27.01 14.37
CA PRO A 39 -1.13 25.94 14.02
C PRO A 39 -2.21 26.49 13.09
N HIS A 40 -2.63 25.65 12.15
CA HIS A 40 -3.71 25.99 11.22
C HIS A 40 -4.71 24.84 11.27
N TYR A 41 -5.95 25.12 11.65
CA TYR A 41 -6.93 24.08 11.93
C TYR A 41 -7.96 23.97 10.80
N PHE A 42 -8.31 22.74 10.47
CA PHE A 42 -9.30 22.44 9.45
C PHE A 42 -10.15 21.30 9.94
N THR A 43 -11.47 21.48 9.94
CA THR A 43 -12.37 20.45 10.43
C THR A 43 -13.39 20.08 9.36
N PHE A 44 -13.77 18.80 9.35
CA PHE A 44 -14.62 18.26 8.30
C PHE A 44 -15.59 17.25 8.89
N GLY A 45 -16.83 17.29 8.42
CA GLY A 45 -17.74 16.20 8.69
C GLY A 45 -18.29 16.18 10.12
N LYS A 46 -18.59 14.96 10.57
N LYS A 46 -18.57 14.97 10.58
CA LYS A 46 -19.40 14.73 11.75
CA LYS A 46 -19.42 14.77 11.76
C LYS A 46 -18.61 14.02 12.84
C LYS A 46 -18.69 13.99 12.84
N ALA A 47 -18.73 14.52 14.06
CA ALA A 47 -18.23 13.82 15.24
C ALA A 47 -19.21 12.75 15.70
N ASP A 48 -20.51 12.99 15.48
CA ASP A 48 -21.58 12.08 15.89
C ASP A 48 -22.57 12.08 14.74
N VAL A 49 -22.56 11.00 13.95
CA VAL A 49 -23.41 10.91 12.77
C VAL A 49 -24.89 10.94 13.15
N ALA A 50 -25.29 10.09 14.09
CA ALA A 50 -26.71 9.97 14.44
C ALA A 50 -27.27 11.28 14.98
N ALA A 51 -26.46 12.03 15.72
CA ALA A 51 -26.90 13.29 16.28
C ALA A 51 -26.57 14.48 15.39
N ASN A 52 -25.94 14.24 14.24
CA ASN A 52 -25.55 15.29 13.30
C ASN A 52 -24.74 16.41 13.98
N LYS A 53 -23.76 16.00 14.79
N LYS A 53 -23.73 16.00 14.74
CA LYS A 53 -22.89 16.97 15.45
CA LYS A 53 -22.87 16.93 15.45
C LYS A 53 -21.60 17.11 14.65
C LYS A 53 -21.57 17.10 14.68
N PRO A 54 -21.21 18.32 14.28
CA PRO A 54 -20.01 18.49 13.46
C PRO A 54 -18.72 18.33 14.27
N VAL A 55 -17.65 17.94 13.56
CA VAL A 55 -16.32 18.05 14.12
C VAL A 55 -15.98 19.52 14.28
N THR A 56 -15.42 19.89 15.42
CA THR A 56 -14.89 21.22 15.70
C THR A 56 -13.49 21.06 16.25
N PRO A 57 -12.75 22.15 16.43
CA PRO A 57 -11.42 22.04 17.06
C PRO A 57 -11.47 21.56 18.50
N GLN A 58 -12.65 21.48 19.11
N GLN A 58 -12.65 21.50 19.13
CA GLN A 58 -12.81 20.98 20.47
CA GLN A 58 -12.78 20.97 20.49
C GLN A 58 -13.23 19.51 20.53
C GLN A 58 -13.13 19.48 20.52
N THR A 59 -13.47 18.88 19.37
CA THR A 59 -13.88 17.47 19.35
C THR A 59 -12.73 16.58 19.83
N LEU A 60 -13.04 15.69 20.77
CA LEU A 60 -12.07 14.70 21.25
C LEU A 60 -12.11 13.45 20.39
N PHE A 61 -10.94 13.00 19.98
CA PHE A 61 -10.77 11.75 19.24
C PHE A 61 -9.94 10.79 20.07
N GLU A 62 -10.17 9.49 19.87
CA GLU A 62 -9.27 8.47 20.42
C GLU A 62 -7.99 8.46 19.59
N LEU A 63 -6.85 8.68 20.23
CA LEU A 63 -5.58 8.67 19.53
C LEU A 63 -5.06 7.26 19.26
N GLY A 64 -5.60 6.25 19.94
CA GLY A 64 -5.04 4.91 19.80
C GLY A 64 -3.54 4.92 20.04
N SER A 65 -2.79 4.24 19.17
CA SER A 65 -1.37 4.08 19.41
C SER A 65 -0.55 5.36 19.28
N VAL A 66 -1.13 6.48 18.85
CA VAL A 66 -0.39 7.74 18.99
C VAL A 66 -0.12 8.01 20.46
N SER A 67 -0.89 7.40 21.36
CA SER A 67 -0.63 7.48 22.79
C SER A 67 0.79 7.04 23.13
N LYS A 68 1.37 6.12 22.34
CA LYS A 68 2.71 5.63 22.64
C LYS A 68 3.74 6.75 22.64
N THR A 69 3.49 7.84 21.89
CA THR A 69 4.43 8.97 21.93
C THR A 69 4.40 9.66 23.28
N PHE A 70 3.21 9.78 23.89
CA PHE A 70 3.14 10.32 25.25
C PHE A 70 3.83 9.40 26.25
N THR A 71 3.64 8.09 26.09
CA THR A 71 4.30 7.13 26.99
C THR A 71 5.81 7.22 26.86
N GLY A 72 6.31 7.34 25.63
CA GLY A 72 7.74 7.43 25.43
C GLY A 72 8.33 8.68 26.04
N VAL A 73 7.64 9.82 25.88
CA VAL A 73 8.12 11.07 26.46
C VAL A 73 8.06 11.02 28.00
N LEU A 74 7.00 10.43 28.56
CA LEU A 74 6.93 10.30 30.02
C LEU A 74 8.07 9.42 30.53
N GLY A 75 8.39 8.35 29.80
CA GLY A 75 9.53 7.53 30.18
C GLY A 75 10.83 8.29 30.06
N GLY A 76 10.99 9.06 28.98
CA GLY A 76 12.16 9.91 28.87
C GLY A 76 12.28 10.90 30.01
N ASP A 77 11.15 11.47 30.43
CA ASP A 77 11.15 12.38 31.57
C ASP A 77 11.61 11.67 32.85
N ALA A 78 11.21 10.40 33.02
CA ALA A 78 11.64 9.67 34.21
C ALA A 78 13.13 9.36 34.16
N ILE A 79 13.67 9.08 32.97
CA ILE A 79 15.12 8.93 32.83
C ILE A 79 15.83 10.20 33.23
N ALA A 80 15.34 11.34 32.74
CA ALA A 80 15.98 12.62 33.02
C ALA A 80 15.90 12.98 34.50
N ARG A 81 14.84 12.56 35.18
CA ARG A 81 14.72 12.72 36.62
C ARG A 81 15.63 11.77 37.40
N LYS A 82 16.33 10.87 36.71
CA LYS A 82 17.18 9.85 37.33
C LYS A 82 16.38 8.85 38.16
N GLU A 83 15.11 8.65 37.79
CA GLU A 83 14.27 7.67 38.47
C GLU A 83 14.41 6.27 37.89
N ILE A 84 14.71 6.17 36.59
CA ILE A 84 14.89 4.89 35.93
C ILE A 84 16.06 5.03 34.95
N SER A 85 16.59 3.88 34.55
CA SER A 85 17.53 3.80 33.44
C SER A 85 17.02 2.74 32.47
N LEU A 86 17.17 3.01 31.17
CA LEU A 86 16.80 2.01 30.18
C LEU A 86 17.60 0.72 30.32
N ALA A 87 18.79 0.79 30.92
CA ALA A 87 19.60 -0.39 31.12
C ALA A 87 19.16 -1.23 32.32
N ASP A 88 18.21 -0.75 33.12
CA ASP A 88 17.80 -1.48 34.31
C ASP A 88 17.05 -2.76 33.92
N PRO A 89 17.23 -3.84 34.67
CA PRO A 89 16.44 -5.04 34.40
C PRO A 89 14.97 -4.80 34.71
N VAL A 90 14.12 -5.46 33.92
CA VAL A 90 12.68 -5.41 34.19
C VAL A 90 12.40 -5.81 35.63
N THR A 91 13.14 -6.81 36.13
CA THR A 91 12.88 -7.35 37.47
C THR A 91 13.18 -6.35 38.58
N LYS A 92 13.93 -5.28 38.30
CA LYS A 92 14.13 -4.24 39.31
C LYS A 92 12.80 -3.59 39.69
N TYR A 93 11.87 -3.52 38.74
CA TYR A 93 10.60 -2.84 38.92
C TYR A 93 9.42 -3.79 39.07
N TRP A 94 9.60 -5.07 38.71
CA TRP A 94 8.58 -6.10 38.92
C TRP A 94 9.31 -7.34 39.41
N PRO A 95 9.74 -7.35 40.67
CA PRO A 95 10.54 -8.49 41.14
C PRO A 95 9.81 -9.82 41.12
N GLU A 96 8.48 -9.82 41.02
CA GLU A 96 7.74 -11.07 40.91
C GLU A 96 7.96 -11.79 39.58
N LEU A 97 8.55 -11.11 38.59
N LEU A 97 8.52 -11.10 38.58
CA LEU A 97 8.87 -11.73 37.30
CA LEU A 97 8.86 -11.74 37.31
C LEU A 97 10.15 -12.55 37.44
C LEU A 97 10.16 -12.53 37.47
N THR A 98 10.03 -13.68 38.13
CA THR A 98 11.17 -14.50 38.50
C THR A 98 11.58 -15.52 37.45
N GLY A 99 10.85 -15.61 36.33
CA GLY A 99 11.19 -16.60 35.33
C GLY A 99 12.55 -16.33 34.70
N LYS A 100 13.25 -17.42 34.37
CA LYS A 100 14.59 -17.30 33.80
C LYS A 100 14.58 -16.54 32.47
N GLN A 101 13.46 -16.59 31.73
CA GLN A 101 13.41 -15.88 30.46
C GLN A 101 13.47 -14.37 30.64
N TRP A 102 13.20 -13.88 31.85
CA TRP A 102 13.24 -12.44 32.11
C TRP A 102 14.62 -11.94 32.50
N GLN A 103 15.54 -12.85 32.84
CA GLN A 103 16.93 -12.45 33.05
C GLN A 103 17.51 -11.97 31.72
N GLY A 104 18.06 -10.76 31.72
CA GLY A 104 18.61 -10.17 30.53
C GLY A 104 17.68 -9.20 29.81
N ILE A 105 16.40 -9.18 30.17
CA ILE A 105 15.48 -8.24 29.56
C ILE A 105 15.47 -6.94 30.35
N ARG A 106 15.64 -5.82 29.65
N ARG A 106 15.65 -5.82 29.66
CA ARG A 106 15.81 -4.50 30.24
CA ARG A 106 15.78 -4.52 30.31
C ARG A 106 14.60 -3.63 29.94
C ARG A 106 14.60 -3.63 29.95
N LEU A 107 14.50 -2.52 30.67
CA LEU A 107 13.47 -1.53 30.34
C LEU A 107 13.58 -1.09 28.88
N LEU A 108 14.80 -0.98 28.36
CA LEU A 108 14.97 -0.64 26.95
C LEU A 108 14.19 -1.58 26.05
N ASP A 109 14.27 -2.89 26.32
CA ASP A 109 13.60 -3.85 25.46
C ASP A 109 12.09 -3.69 25.51
N LEU A 110 11.54 -3.41 26.70
CA LEU A 110 10.11 -3.16 26.78
C LEU A 110 9.74 -1.91 26.00
N ALA A 111 10.52 -0.83 26.19
CA ALA A 111 10.17 0.45 25.61
C ALA A 111 10.17 0.41 24.09
N THR A 112 11.02 -0.44 23.48
CA THR A 112 11.30 -0.37 22.05
C THR A 112 10.99 -1.68 21.31
N TYR A 113 10.27 -2.60 21.94
CA TYR A 113 9.72 -3.79 21.31
C TYR A 113 10.75 -4.87 21.02
N THR A 114 11.84 -4.90 21.78
CA THR A 114 12.95 -5.80 21.49
C THR A 114 13.13 -6.90 22.54
N ALA A 115 12.09 -7.20 23.33
CA ALA A 115 12.24 -8.23 24.35
C ALA A 115 12.36 -9.63 23.78
N GLY A 116 12.01 -9.83 22.50
CA GLY A 116 12.13 -11.14 21.89
C GLY A 116 10.81 -11.78 21.50
N GLY A 117 9.78 -10.96 21.26
CA GLY A 117 8.52 -11.48 20.78
C GLY A 117 7.36 -11.39 21.75
N LEU A 118 7.36 -10.41 22.66
CA LEU A 118 6.15 -10.13 23.42
C LEU A 118 5.01 -9.82 22.45
N PRO A 119 3.82 -10.39 22.62
CA PRO A 119 2.80 -10.30 21.57
C PRO A 119 2.09 -8.94 21.55
N LEU A 120 1.39 -8.71 20.44
CA LEU A 120 0.76 -7.42 20.20
C LEU A 120 -0.21 -7.03 21.33
N GLN A 121 -1.08 -7.94 21.74
CA GLN A 121 -2.17 -7.59 22.64
C GLN A 121 -2.07 -8.29 24.00
N VAL A 122 -2.43 -7.55 25.06
CA VAL A 122 -2.86 -8.23 26.29
C VAL A 122 -4.17 -8.93 26.01
N PRO A 123 -4.29 -10.22 26.30
CA PRO A 123 -5.58 -10.90 26.09
C PRO A 123 -6.70 -10.23 26.87
N ASP A 124 -7.89 -10.18 26.26
CA ASP A 124 -9.03 -9.55 26.91
C ASP A 124 -9.44 -10.23 28.20
N ASN A 125 -9.11 -11.51 28.37
CA ASN A 125 -9.45 -12.21 29.60
C ASN A 125 -8.46 -11.97 30.73
N VAL A 126 -7.40 -11.20 30.48
CA VAL A 126 -6.48 -10.77 31.52
C VAL A 126 -6.98 -9.44 32.05
N THR A 127 -7.57 -9.46 33.25
CA THR A 127 -8.29 -8.30 33.77
C THR A 127 -7.84 -7.84 35.15
N ASP A 128 -6.78 -8.44 35.71
CA ASP A 128 -6.25 -7.97 36.97
C ASP A 128 -4.76 -8.26 37.03
N ASN A 129 -4.10 -7.75 38.08
CA ASN A 129 -2.65 -7.89 38.13
C ASN A 129 -2.19 -9.32 38.36
N ALA A 130 -2.97 -10.12 39.10
CA ALA A 130 -2.61 -11.53 39.26
C ALA A 130 -2.60 -12.25 37.91
N SER A 131 -3.60 -11.99 37.07
N SER A 131 -3.60 -11.99 37.07
CA SER A 131 -3.64 -12.61 35.75
CA SER A 131 -3.64 -12.61 35.75
C SER A 131 -2.58 -12.03 34.83
C SER A 131 -2.57 -12.04 34.85
N LEU A 132 -2.31 -10.73 34.95
CA LEU A 132 -1.25 -10.12 34.15
C LEU A 132 0.10 -10.73 34.51
N LEU A 133 0.35 -10.97 35.79
CA LEU A 133 1.58 -11.63 36.20
C LEU A 133 1.71 -13.01 35.56
N ARG A 134 0.64 -13.80 35.62
CA ARG A 134 0.70 -15.14 35.01
C ARG A 134 0.96 -15.06 33.52
N PHE A 135 0.40 -14.03 32.86
CA PHE A 135 0.62 -13.85 31.43
C PHE A 135 2.10 -13.66 31.13
N TYR A 136 2.75 -12.73 31.84
CA TYR A 136 4.17 -12.49 31.57
C TYR A 136 5.05 -13.65 32.05
N GLN A 137 4.68 -14.31 33.14
N GLN A 137 4.67 -14.29 33.17
CA GLN A 137 5.50 -15.44 33.59
CA GLN A 137 5.41 -15.46 33.64
C GLN A 137 5.39 -16.65 32.67
C GLN A 137 5.43 -16.56 32.59
N SER A 138 4.30 -16.78 31.91
CA SER A 138 4.14 -17.89 30.99
C SER A 138 4.77 -17.63 29.64
N TRP A 139 5.10 -16.38 29.33
CA TRP A 139 5.55 -15.99 28.00
C TRP A 139 6.93 -16.58 27.70
N GLN A 140 7.07 -17.18 26.52
N GLN A 140 7.08 -17.14 26.50
CA GLN A 140 8.33 -17.78 26.10
CA GLN A 140 8.34 -17.76 26.10
C GLN A 140 8.90 -16.98 24.94
C GLN A 140 8.91 -16.99 24.93
N PRO A 141 10.07 -16.36 25.08
CA PRO A 141 10.63 -15.60 23.95
C PRO A 141 11.06 -16.50 22.81
N LYS A 142 10.99 -15.93 21.61
CA LYS A 142 11.45 -16.62 20.41
C LYS A 142 12.91 -16.31 20.07
N TRP A 143 13.39 -15.14 20.46
CA TRP A 143 14.75 -14.71 20.16
C TRP A 143 15.33 -13.99 21.37
N ALA A 144 16.66 -13.94 21.42
CA ALA A 144 17.38 -13.26 22.48
C ALA A 144 16.97 -11.79 22.53
N PRO A 145 17.00 -11.15 23.71
CA PRO A 145 16.59 -9.75 23.79
C PRO A 145 17.57 -8.84 23.06
N GLY A 146 17.04 -7.72 22.57
CA GLY A 146 17.86 -6.74 21.90
C GLY A 146 18.30 -7.12 20.51
N THR A 147 17.58 -8.04 19.86
CA THR A 147 17.97 -8.51 18.54
C THR A 147 16.85 -8.51 17.51
N THR A 148 15.60 -8.33 17.94
CA THR A 148 14.45 -8.37 17.04
C THR A 148 13.46 -7.30 17.49
N ARG A 149 12.55 -6.95 16.58
CA ARG A 149 11.47 -6.00 16.87
C ARG A 149 10.15 -6.70 16.59
N LEU A 150 9.21 -6.59 17.54
CA LEU A 150 7.83 -6.98 17.29
C LEU A 150 6.98 -5.92 17.99
N TYR A 151 6.34 -5.07 17.19
CA TYR A 151 5.50 -4.01 17.74
C TYR A 151 4.44 -4.61 18.66
N ALA A 152 4.32 -4.08 19.87
CA ALA A 152 3.51 -4.77 20.87
C ALA A 152 3.04 -3.84 21.98
N ASN A 153 1.74 -3.90 22.28
CA ASN A 153 1.20 -3.23 23.45
C ASN A 153 1.70 -3.85 24.76
N THR A 154 1.94 -5.17 24.77
CA THR A 154 2.42 -5.82 25.98
C THR A 154 3.84 -5.41 26.29
N SER A 155 4.55 -4.84 25.33
CA SER A 155 5.93 -4.39 25.52
C SER A 155 5.94 -2.96 26.04
N ILE A 156 5.57 -1.99 25.19
CA ILE A 156 5.64 -0.59 25.61
C ILE A 156 4.61 -0.28 26.69
N GLY A 157 3.49 -1.00 26.72
CA GLY A 157 2.52 -0.79 27.78
C GLY A 157 3.10 -1.12 29.14
N LEU A 158 3.81 -2.25 29.24
CA LEU A 158 4.47 -2.60 30.48
C LEU A 158 5.59 -1.63 30.81
N PHE A 159 6.35 -1.18 29.79
CA PHE A 159 7.34 -0.14 30.02
C PHE A 159 6.73 1.07 30.74
N GLY A 160 5.61 1.57 30.23
CA GLY A 160 5.01 2.75 30.82
C GLY A 160 4.59 2.51 32.27
N SER A 161 4.03 1.33 32.53
CA SER A 161 3.56 1.02 33.88
C SER A 161 4.73 0.92 34.86
N LEU A 162 5.84 0.32 34.43
CA LEU A 162 7.00 0.21 35.31
C LEU A 162 7.74 1.54 35.44
N ALA A 163 7.76 2.35 34.38
CA ALA A 163 8.57 3.56 34.37
C ALA A 163 8.10 4.56 35.42
N VAL A 164 6.81 4.52 35.78
CA VAL A 164 6.26 5.47 36.75
C VAL A 164 6.36 4.97 38.18
N LYS A 165 6.79 3.72 38.40
CA LYS A 165 6.81 3.22 39.77
C LYS A 165 7.66 4.04 40.72
N PRO A 166 8.86 4.51 40.36
CA PRO A 166 9.62 5.34 41.31
C PRO A 166 8.96 6.67 41.65
N SER A 167 7.98 7.12 40.87
CA SER A 167 7.34 8.41 41.11
C SER A 167 6.32 8.37 42.23
N GLY A 168 5.84 7.18 42.59
CA GLY A 168 4.76 7.05 43.55
C GLY A 168 3.38 7.34 42.99
N MET A 169 3.27 7.66 41.70
CA MET A 169 1.99 7.98 41.09
C MET A 169 1.58 6.88 40.13
N ARG A 170 0.27 6.67 40.02
N ARG A 170 0.27 6.67 40.02
CA ARG A 170 -0.24 5.83 38.95
CA ARG A 170 -0.25 5.84 38.95
C ARG A 170 0.05 6.49 37.61
C ARG A 170 0.08 6.49 37.60
N PHE A 171 0.09 5.66 36.56
CA PHE A 171 0.46 6.15 35.23
C PHE A 171 -0.34 7.37 34.81
N GLU A 172 -1.67 7.34 35.01
CA GLU A 172 -2.50 8.46 34.58
C GLU A 172 -2.15 9.74 35.32
N GLN A 173 -1.92 9.65 36.64
N GLN A 173 -1.87 9.65 36.62
CA GLN A 173 -1.52 10.82 37.42
CA GLN A 173 -1.55 10.85 37.38
C GLN A 173 -0.19 11.35 36.93
C GLN A 173 -0.14 11.36 37.08
N ALA A 174 0.80 10.46 36.77
CA ALA A 174 2.13 10.88 36.35
C ALA A 174 2.08 11.59 35.01
N MET A 175 1.30 11.04 34.07
CA MET A 175 1.17 11.65 32.75
C MET A 175 0.56 13.05 32.86
N ALA A 176 -0.49 13.20 33.66
CA ALA A 176 -1.12 14.50 33.80
C ALA A 176 -0.16 15.51 34.43
N GLU A 177 0.54 15.09 35.48
N GLU A 177 0.53 15.10 35.49
CA GLU A 177 1.37 16.03 36.24
CA GLU A 177 1.37 16.04 36.24
C GLU A 177 2.65 16.38 35.49
C GLU A 177 2.64 16.40 35.47
N ARG A 178 3.23 15.44 34.76
CA ARG A 178 4.56 15.62 34.21
C ARG A 178 4.59 15.93 32.72
N VAL A 179 3.52 15.64 31.99
CA VAL A 179 3.47 15.89 30.56
C VAL A 179 2.32 16.83 30.18
N PHE A 180 1.07 16.45 30.52
CA PHE A 180 -0.07 17.24 30.06
C PHE A 180 -0.05 18.64 30.66
N LYS A 181 0.10 18.74 31.99
N LYS A 181 0.07 18.73 31.99
CA LYS A 181 0.01 20.04 32.66
CA LYS A 181 0.01 20.04 32.64
C LYS A 181 1.14 20.99 32.28
C LYS A 181 1.13 20.98 32.25
N PRO A 182 2.41 20.59 32.27
CA PRO A 182 3.46 21.54 31.87
C PRO A 182 3.31 22.06 30.44
N LEU A 183 2.72 21.27 29.55
CA LEU A 183 2.50 21.67 28.17
C LEU A 183 1.14 22.32 27.95
N LYS A 184 0.36 22.50 29.02
CA LYS A 184 -0.97 23.11 28.94
C LYS A 184 -1.90 22.36 28.00
N LEU A 185 -1.77 21.02 27.99
CA LEU A 185 -2.69 20.15 27.27
C LEU A 185 -3.85 19.87 28.21
N ASN A 186 -4.74 20.84 28.32
CA ASN A 186 -5.82 20.83 29.29
C ASN A 186 -7.07 20.15 28.78
N HIS A 187 -7.06 19.66 27.54
CA HIS A 187 -8.18 18.94 26.96
C HIS A 187 -7.68 17.62 26.38
N THR A 188 -6.75 17.00 27.09
CA THR A 188 -6.17 15.72 26.72
C THR A 188 -6.34 14.80 27.93
N TRP A 189 -6.90 13.60 27.69
CA TRP A 189 -7.46 12.79 28.75
C TRP A 189 -7.10 11.33 28.55
N ILE A 190 -6.79 10.65 29.65
CA ILE A 190 -6.75 9.19 29.64
C ILE A 190 -8.14 8.63 29.92
N ASN A 191 -8.88 9.29 30.81
CA ASN A 191 -10.29 9.01 31.03
C ASN A 191 -11.04 10.31 30.80
N VAL A 192 -11.96 10.30 29.84
CA VAL A 192 -12.73 11.51 29.54
C VAL A 192 -13.64 11.84 30.70
N PRO A 193 -13.53 13.02 31.31
CA PRO A 193 -14.42 13.37 32.41
C PRO A 193 -15.86 13.49 31.95
N HIS A 194 -16.79 13.25 32.88
N HIS A 194 -16.79 13.27 32.88
CA HIS A 194 -18.21 13.38 32.57
CA HIS A 194 -18.21 13.37 32.54
C HIS A 194 -18.50 14.74 31.94
C HIS A 194 -18.54 14.75 31.96
N ALA A 195 -17.91 15.80 32.49
CA ALA A 195 -18.17 17.16 32.01
C ALA A 195 -17.66 17.40 30.60
N GLU A 196 -16.81 16.53 30.06
CA GLU A 196 -16.26 16.69 28.72
C GLU A 196 -16.89 15.76 27.70
N GLU A 197 -17.85 14.92 28.12
CA GLU A 197 -18.37 13.90 27.22
C GLU A 197 -19.07 14.48 25.98
N SER A 198 -19.64 15.68 26.11
CA SER A 198 -20.30 16.29 24.96
C SER A 198 -19.33 16.53 23.81
N HIS A 199 -18.03 16.60 24.10
CA HIS A 199 -17.01 16.81 23.08
C HIS A 199 -16.47 15.53 22.48
N TYR A 200 -16.84 14.37 23.03
CA TYR A 200 -16.20 13.11 22.67
C TYR A 200 -16.87 12.56 21.42
N ALA A 201 -16.14 12.55 20.30
CA ALA A 201 -16.65 11.96 19.08
C ALA A 201 -16.94 10.48 19.29
N TRP A 202 -17.89 9.97 18.52
CA TRP A 202 -18.00 8.53 18.34
C TRP A 202 -17.02 8.07 17.28
N GLY A 203 -16.48 6.86 17.46
CA GLY A 203 -15.79 6.17 16.40
C GLY A 203 -16.75 5.30 15.63
N TYR A 204 -16.36 4.89 14.43
CA TYR A 204 -17.23 4.10 13.57
C TYR A 204 -16.50 2.88 13.05
N ARG A 205 -17.06 1.71 13.33
N ARG A 205 -17.05 1.70 13.34
CA ARG A 205 -16.53 0.45 12.84
CA ARG A 205 -16.52 0.44 12.84
C ARG A 205 -17.68 -0.32 12.21
C ARG A 205 -17.67 -0.34 12.22
N GLU A 206 -17.55 -0.64 10.93
CA GLU A 206 -18.62 -1.28 10.16
C GLU A 206 -19.93 -0.49 10.27
N GLY A 207 -19.80 0.84 10.31
CA GLY A 207 -20.93 1.73 10.37
C GLY A 207 -21.55 1.91 11.74
N LYS A 208 -21.01 1.27 12.78
CA LYS A 208 -21.59 1.31 14.11
C LYS A 208 -20.76 2.20 15.03
N ALA A 209 -21.43 3.01 15.84
CA ALA A 209 -20.75 3.90 16.77
C ALA A 209 -20.10 3.10 17.89
N VAL A 210 -18.80 3.34 18.12
CA VAL A 210 -18.03 2.60 19.12
C VAL A 210 -17.02 3.52 19.81
N HIS A 211 -16.72 3.17 21.06
CA HIS A 211 -15.61 3.73 21.81
C HIS A 211 -14.70 2.58 22.25
N VAL A 212 -13.44 2.93 22.51
CA VAL A 212 -12.43 1.92 22.86
C VAL A 212 -12.84 1.18 24.14
N SER A 213 -12.63 -0.14 24.15
CA SER A 213 -12.95 -0.95 25.32
C SER A 213 -11.85 -0.88 26.36
N PRO A 214 -12.20 -0.95 27.64
CA PRO A 214 -11.17 -1.01 28.68
C PRO A 214 -10.31 -2.27 28.51
N GLY A 215 -9.04 -2.13 28.87
CA GLY A 215 -8.14 -3.27 28.91
C GLY A 215 -6.92 -2.95 29.73
N MET A 216 -6.27 -4.01 30.21
N MET A 216 -6.26 -4.00 30.22
CA MET A 216 -5.03 -3.79 30.96
CA MET A 216 -5.06 -3.77 30.99
C MET A 216 -4.00 -3.12 30.08
C MET A 216 -3.96 -3.18 30.12
N LEU A 217 -3.27 -2.17 30.65
CA LEU A 217 -2.23 -1.41 29.95
C LEU A 217 -2.81 -0.49 28.86
N ASP A 218 -4.11 -0.24 28.88
CA ASP A 218 -4.72 0.61 27.86
C ASP A 218 -4.18 2.04 27.89
N ALA A 219 -4.10 2.64 29.08
CA ALA A 219 -3.62 4.01 29.20
C ALA A 219 -2.24 4.16 28.59
N GLU A 220 -1.36 3.17 28.84
CA GLU A 220 0.03 3.23 28.43
C GLU A 220 0.20 2.98 26.94
N ALA A 221 -0.64 2.15 26.33
CA ALA A 221 -0.42 1.71 24.96
C ALA A 221 -1.34 2.36 23.94
N TYR A 222 -2.56 2.75 24.32
CA TYR A 222 -3.50 3.23 23.29
C TYR A 222 -4.62 4.08 23.83
N GLY A 223 -4.53 4.63 25.05
CA GLY A 223 -5.70 5.14 25.73
C GLY A 223 -5.91 6.65 25.81
N VAL A 224 -5.12 7.47 25.13
CA VAL A 224 -5.28 8.91 25.23
C VAL A 224 -6.35 9.40 24.26
N LYS A 225 -7.15 10.37 24.70
CA LYS A 225 -8.11 11.08 23.86
C LYS A 225 -7.73 12.55 23.88
N SER A 226 -7.84 13.23 22.73
CA SER A 226 -7.44 14.63 22.67
C SER A 226 -8.16 15.32 21.52
N ASN A 227 -8.10 16.65 21.51
CA ASN A 227 -8.62 17.44 20.39
C ASN A 227 -7.48 17.92 19.49
N VAL A 228 -7.87 18.53 18.37
CA VAL A 228 -6.86 18.89 17.38
C VAL A 228 -5.95 20.01 17.87
N LYS A 229 -6.45 20.85 18.78
CA LYS A 229 -5.64 21.96 19.27
C LYS A 229 -4.55 21.48 20.21
N ASP A 230 -4.90 20.65 21.19
CA ASP A 230 -3.86 20.06 22.04
C ASP A 230 -2.90 19.22 21.23
N MET A 231 -3.39 18.49 20.23
CA MET A 231 -2.50 17.65 19.44
C MET A 231 -1.54 18.51 18.60
N ALA A 232 -2.02 19.64 18.10
CA ALA A 232 -1.10 20.57 17.45
C ALA A 232 -0.03 21.07 18.41
N SER A 233 -0.42 21.37 19.66
N SER A 233 -0.42 21.35 19.66
CA SER A 233 0.55 21.79 20.66
CA SER A 233 0.55 21.79 20.66
C SER A 233 1.55 20.67 20.96
C SER A 233 1.55 20.67 20.98
N TRP A 234 1.08 19.42 21.01
CA TRP A 234 1.97 18.28 21.22
C TRP A 234 3.00 18.17 20.10
N VAL A 235 2.55 18.31 18.85
CA VAL A 235 3.50 18.27 17.74
C VAL A 235 4.50 19.42 17.84
N MET A 236 4.03 20.62 18.20
N MET A 236 4.02 20.62 18.18
CA MET A 236 4.93 21.76 18.27
CA MET A 236 4.92 21.77 18.28
C MET A 236 5.96 21.62 19.39
C MET A 236 5.97 21.55 19.35
N ALA A 237 5.57 21.00 20.51
CA ALA A 237 6.52 20.78 21.59
C ALA A 237 7.57 19.75 21.21
N ASN A 238 7.18 18.71 20.47
CA ASN A 238 8.13 17.67 20.08
C ASN A 238 9.00 18.12 18.91
N MET A 239 8.48 19.00 18.06
CA MET A 239 9.27 19.47 16.92
C MET A 239 10.28 20.53 17.33
N ALA A 240 9.94 21.37 18.30
CA ALA A 240 10.78 22.49 18.70
C ALA A 240 10.90 22.54 20.22
N PRO A 241 11.43 21.49 20.85
CA PRO A 241 11.55 21.50 22.31
C PRO A 241 12.48 22.58 22.84
N GLU A 242 13.36 23.11 21.99
CA GLU A 242 14.27 24.16 22.41
C GLU A 242 13.54 25.45 22.75
N THR A 243 12.29 25.61 22.30
CA THR A 243 11.51 26.78 22.68
C THR A 243 10.84 26.63 24.05
N LEU A 244 10.90 25.44 24.63
CA LEU A 244 10.40 25.21 25.98
C LEU A 244 11.43 25.64 27.00
N PRO A 245 11.01 25.92 28.24
CA PRO A 245 11.99 26.18 29.30
C PRO A 245 12.78 24.93 29.61
N PRO A 246 14.00 25.07 30.13
CA PRO A 246 14.78 23.88 30.48
C PRO A 246 14.10 23.09 31.59
N SER A 247 14.00 21.77 31.39
CA SER A 247 13.27 20.92 32.31
C SER A 247 13.57 19.47 31.99
N THR A 248 13.19 18.58 32.91
CA THR A 248 13.28 17.15 32.62
C THR A 248 12.35 16.74 31.49
N LEU A 249 11.24 17.48 31.30
CA LEU A 249 10.34 17.18 30.19
C LEU A 249 11.01 17.48 28.85
N GLN A 250 11.70 18.61 28.76
CA GLN A 250 12.46 18.93 27.54
C GLN A 250 13.52 17.86 27.27
N GLN A 251 14.24 17.44 28.31
CA GLN A 251 15.19 16.34 28.16
C GLN A 251 14.51 15.05 27.73
N GLY A 252 13.33 14.77 28.29
CA GLY A 252 12.63 13.54 27.94
C GLY A 252 12.16 13.53 26.51
N ILE A 253 11.75 14.68 25.98
CA ILE A 253 11.42 14.79 24.55
C ILE A 253 12.63 14.40 23.70
N ALA A 254 13.82 14.87 24.08
CA ALA A 254 15.03 14.51 23.32
C ALA A 254 15.31 13.02 23.43
N LEU A 255 15.11 12.43 24.61
CA LEU A 255 15.35 10.98 24.75
C LEU A 255 14.38 10.18 23.90
N ALA A 256 13.14 10.65 23.74
CA ALA A 256 12.14 9.89 23.00
C ALA A 256 12.37 9.94 21.49
N GLN A 257 13.06 10.98 20.98
CA GLN A 257 13.45 11.07 19.58
C GLN A 257 14.89 10.66 19.34
N SER A 258 15.54 10.08 20.35
CA SER A 258 16.83 9.44 20.11
C SER A 258 16.62 8.13 19.36
N ARG A 259 17.65 7.71 18.62
CA ARG A 259 17.60 6.50 17.82
C ARG A 259 18.22 5.34 18.59
N TYR A 260 17.42 4.32 18.88
CA TYR A 260 17.87 3.15 19.63
C TYR A 260 18.12 1.92 18.77
N TRP A 261 17.37 1.77 17.68
CA TRP A 261 17.46 0.61 16.80
C TRP A 261 17.11 1.06 15.38
N ARG A 262 17.61 0.33 14.40
CA ARG A 262 17.26 0.55 13.00
C ARG A 262 16.63 -0.72 12.44
N VAL A 263 15.50 -0.55 11.74
CA VAL A 263 14.91 -1.61 10.91
C VAL A 263 14.72 -1.04 9.53
N GLY A 264 15.58 -1.44 8.58
CA GLY A 264 15.51 -0.86 7.26
C GLY A 264 15.82 0.62 7.32
N ALA A 265 14.87 1.44 6.87
CA ALA A 265 15.02 2.88 6.88
C ALA A 265 14.40 3.53 8.11
N MET A 266 13.77 2.75 8.98
N MET A 266 13.78 2.77 9.00
CA MET A 266 13.15 3.28 10.19
CA MET A 266 13.14 3.36 10.15
C MET A 266 14.10 3.19 11.36
C MET A 266 14.00 3.17 11.40
N TYR A 267 14.07 4.23 12.21
CA TYR A 267 14.77 4.22 13.49
C TYR A 267 13.73 4.28 14.61
N GLN A 268 13.91 3.43 15.61
CA GLN A 268 12.96 3.32 16.71
C GLN A 268 13.37 4.27 17.83
N GLY A 269 12.49 5.21 18.17
CA GLY A 269 12.63 6.01 19.37
C GLY A 269 11.85 5.42 20.52
N LEU A 270 11.54 6.27 21.51
CA LEU A 270 10.62 5.86 22.57
C LEU A 270 9.23 6.31 22.12
N GLY A 271 8.46 5.39 21.57
CA GLY A 271 7.16 5.69 21.01
C GLY A 271 7.26 6.29 19.62
N TRP A 272 7.94 7.44 19.50
CA TRP A 272 8.20 8.02 18.19
C TRP A 272 9.03 7.06 17.32
N GLU A 273 8.80 7.16 16.01
CA GLU A 273 9.62 6.50 15.01
C GLU A 273 10.12 7.56 14.02
N MET A 274 11.30 7.32 13.45
CA MET A 274 11.98 8.34 12.67
C MET A 274 12.59 7.73 11.42
N LEU A 275 12.64 8.53 10.35
CA LEU A 275 13.44 8.20 9.18
C LEU A 275 14.34 9.39 8.86
N ASN A 276 15.54 9.13 8.35
CA ASN A 276 16.41 10.23 8.00
C ASN A 276 15.78 11.04 6.87
N TRP A 277 15.83 12.36 7.00
CA TRP A 277 15.31 13.29 6.00
C TRP A 277 16.48 13.87 5.21
N PRO A 278 16.36 14.04 3.88
CA PRO A 278 15.19 13.81 3.02
C PRO A 278 14.91 12.35 2.72
N VAL A 279 13.63 12.04 2.50
CA VAL A 279 13.14 10.67 2.28
C VAL A 279 11.91 10.76 1.38
N ASP A 280 11.78 9.77 0.49
N ASP A 280 11.78 9.79 0.47
CA ASP A 280 10.65 9.68 -0.43
CA ASP A 280 10.62 9.76 -0.39
C ASP A 280 9.44 9.03 0.27
C ASP A 280 9.44 9.12 0.33
N VAL A 281 8.23 9.38 -0.19
CA VAL A 281 7.02 8.89 0.45
C VAL A 281 6.95 7.37 0.45
N LYS A 282 7.40 6.72 -0.62
CA LYS A 282 7.33 5.26 -0.64
C LYS A 282 8.22 4.65 0.44
N THR A 283 9.36 5.28 0.71
CA THR A 283 10.22 4.80 1.80
C THR A 283 9.54 4.97 3.15
N VAL A 284 8.84 6.08 3.36
CA VAL A 284 8.11 6.25 4.62
C VAL A 284 7.02 5.19 4.76
N VAL A 285 6.25 4.96 3.70
CA VAL A 285 5.22 3.93 3.73
C VAL A 285 5.83 2.58 4.05
N ASP A 286 6.91 2.21 3.35
CA ASP A 286 7.53 0.90 3.53
C ASP A 286 8.20 0.78 4.89
N GLY A 287 8.51 1.90 5.53
CA GLY A 287 9.15 1.92 6.83
C GLY A 287 8.20 2.11 7.99
N SER A 288 6.89 2.02 7.78
CA SER A 288 5.93 2.24 8.86
C SER A 288 4.91 1.13 8.99
N ASP A 289 5.21 -0.06 8.46
CA ASP A 289 4.36 -1.23 8.66
C ASP A 289 4.84 -1.97 9.90
N ASN A 290 4.00 -2.04 10.92
CA ASN A 290 4.29 -2.93 12.05
C ASN A 290 3.82 -4.33 11.67
N LYS A 291 4.77 -5.17 11.25
CA LYS A 291 4.41 -6.48 10.74
C LYS A 291 3.88 -7.38 11.86
N VAL A 292 3.09 -8.38 11.45
CA VAL A 292 2.62 -9.40 12.37
C VAL A 292 3.78 -10.27 12.86
N ALA A 293 4.77 -10.49 12.01
CA ALA A 293 5.93 -11.34 12.31
C ALA A 293 7.11 -10.51 12.79
N LEU A 294 7.99 -11.17 13.54
CA LEU A 294 9.22 -10.56 14.02
C LEU A 294 10.18 -10.25 12.88
N VAL A 295 10.97 -9.20 13.06
CA VAL A 295 12.06 -8.85 12.14
C VAL A 295 13.32 -8.59 12.95
N PRO A 296 14.49 -8.75 12.35
CA PRO A 296 15.74 -8.41 13.06
C PRO A 296 15.95 -6.89 13.11
N VAL A 297 16.70 -6.45 14.12
CA VAL A 297 17.06 -5.05 14.29
C VAL A 297 18.56 -4.89 14.22
N ALA A 298 19.00 -3.69 13.89
CA ALA A 298 20.37 -3.24 14.07
C ALA A 298 20.44 -2.31 15.27
N GLU A 299 21.44 -2.50 16.12
CA GLU A 299 21.62 -1.70 17.32
C GLU A 299 22.20 -0.33 16.97
N VAL A 300 21.73 0.71 17.65
CA VAL A 300 22.38 2.02 17.63
C VAL A 300 23.01 2.19 19.00
N ASN A 301 24.31 1.96 19.10
CA ASN A 301 25.01 1.98 20.38
C ASN A 301 26.22 2.90 20.28
N PRO A 302 26.27 3.99 21.06
CA PRO A 302 25.21 4.41 21.98
C PRO A 302 24.02 4.97 21.21
N PRO A 303 22.86 5.08 21.84
CA PRO A 303 21.71 5.69 21.17
C PRO A 303 22.11 7.05 20.59
N ALA A 304 21.63 7.32 19.39
CA ALA A 304 22.02 8.59 18.78
C ALA A 304 21.05 9.69 19.20
N PRO A 305 21.56 10.88 19.55
CA PRO A 305 20.67 11.99 19.93
C PRO A 305 19.78 12.40 18.77
N PRO A 306 18.72 13.19 19.05
CA PRO A 306 17.78 13.54 17.98
C PRO A 306 18.46 14.21 16.79
N VAL A 307 17.97 13.88 15.61
CA VAL A 307 18.49 14.38 14.34
C VAL A 307 17.44 15.33 13.78
N LYS A 308 17.80 16.61 13.63
CA LYS A 308 16.83 17.57 13.10
C LYS A 308 16.35 17.16 11.71
N ALA A 309 17.24 16.58 10.90
CA ALA A 309 16.90 16.10 9.57
C ALA A 309 16.24 14.73 9.68
N SER A 310 15.02 14.73 10.21
CA SER A 310 14.24 13.51 10.37
C SER A 310 12.80 13.77 9.96
N TRP A 311 12.17 12.73 9.41
CA TRP A 311 10.72 12.60 9.40
C TRP A 311 10.35 11.84 10.67
N VAL A 312 9.65 12.49 11.58
CA VAL A 312 9.27 11.92 12.87
C VAL A 312 7.77 11.70 12.85
N HIS A 313 7.31 10.50 13.21
CA HIS A 313 5.88 10.24 13.08
C HIS A 313 5.39 9.11 13.99
N LYS A 314 4.07 9.01 14.09
CA LYS A 314 3.44 7.85 14.71
C LYS A 314 2.03 7.69 14.18
N THR A 315 1.69 6.48 13.76
CA THR A 315 0.33 6.08 13.44
C THR A 315 -0.36 5.52 14.70
N GLY A 316 -1.68 5.61 14.72
CA GLY A 316 -2.38 4.93 15.80
C GLY A 316 -3.85 4.79 15.55
N SER A 317 -4.42 3.69 16.03
CA SER A 317 -5.83 3.41 15.81
C SER A 317 -6.44 2.79 17.06
N THR A 318 -7.76 2.91 17.15
CA THR A 318 -8.60 2.04 17.96
C THR A 318 -9.61 1.40 17.01
N GLY A 319 -10.55 0.65 17.56
CA GLY A 319 -11.55 0.02 16.71
C GLY A 319 -12.27 1.02 15.82
N GLY A 320 -12.52 2.22 16.35
CA GLY A 320 -13.33 3.19 15.64
C GLY A 320 -12.61 4.44 15.19
N PHE A 321 -11.30 4.58 15.43
CA PHE A 321 -10.60 5.82 15.13
C PHE A 321 -9.27 5.54 14.43
N GLY A 322 -8.81 6.50 13.65
CA GLY A 322 -7.49 6.45 13.03
C GLY A 322 -6.82 7.82 13.09
N SER A 323 -5.64 7.88 13.69
N SER A 323 -5.65 7.89 13.70
CA SER A 323 -4.92 9.13 13.91
CA SER A 323 -4.93 9.15 13.88
C SER A 323 -3.52 9.03 13.32
C SER A 323 -3.54 9.03 13.28
N TYR A 324 -2.90 10.19 13.09
CA TYR A 324 -1.56 10.23 12.55
C TYR A 324 -0.95 11.58 12.90
N VAL A 325 0.32 11.57 13.31
CA VAL A 325 1.08 12.80 13.54
C VAL A 325 2.43 12.63 12.87
N ALA A 326 2.91 13.69 12.21
CA ALA A 326 4.22 13.66 11.58
C ALA A 326 4.80 15.07 11.56
N PHE A 327 6.12 15.16 11.66
CA PHE A 327 6.77 16.47 11.60
C PHE A 327 8.21 16.31 11.14
N ILE A 328 8.76 17.41 10.62
CA ILE A 328 10.14 17.46 10.12
C ILE A 328 10.84 18.63 10.80
N PRO A 329 11.63 18.40 11.84
CA PRO A 329 12.22 19.55 12.56
C PRO A 329 13.08 20.44 11.69
N GLU A 330 13.83 19.88 10.74
N GLU A 330 13.80 19.90 10.70
CA GLU A 330 14.66 20.70 9.85
CA GLU A 330 14.68 20.73 9.88
C GLU A 330 13.83 21.77 9.15
C GLU A 330 13.91 21.68 8.96
N LYS A 331 12.63 21.42 8.73
CA LYS A 331 11.78 22.32 7.95
C LYS A 331 10.75 23.07 8.80
N GLN A 332 10.61 22.72 10.08
CA GLN A 332 9.63 23.35 10.96
C GLN A 332 8.23 23.26 10.39
N ILE A 333 7.88 22.07 9.90
CA ILE A 333 6.53 21.79 9.45
C ILE A 333 6.06 20.48 10.07
N GLY A 334 4.76 20.39 10.29
CA GLY A 334 4.19 19.16 10.82
C GLY A 334 2.70 19.10 10.58
N ILE A 335 2.09 17.96 10.95
CA ILE A 335 0.67 17.74 10.69
C ILE A 335 0.09 16.77 11.72
N VAL A 336 -1.17 17.03 12.08
CA VAL A 336 -2.01 16.15 12.88
C VAL A 336 -3.24 15.82 12.04
N MET A 337 -3.58 14.54 11.94
N MET A 337 -3.61 14.54 11.97
CA MET A 337 -4.82 14.11 11.29
CA MET A 337 -4.83 14.12 11.28
C MET A 337 -5.54 13.18 12.25
C MET A 337 -5.58 13.15 12.17
N LEU A 338 -6.72 13.60 12.72
CA LEU A 338 -7.56 12.81 13.60
C LEU A 338 -8.82 12.43 12.84
N ALA A 339 -9.17 11.14 12.83
CA ALA A 339 -10.34 10.67 12.11
C ALA A 339 -11.12 9.70 12.98
N ASN A 340 -12.45 9.71 12.84
CA ASN A 340 -13.31 8.80 13.58
C ASN A 340 -13.72 7.57 12.77
N LYS A 341 -12.81 7.11 11.90
N LYS A 341 -12.80 7.09 11.92
CA LYS A 341 -12.84 5.77 11.36
CA LYS A 341 -12.85 5.76 11.35
C LYS A 341 -11.39 5.38 11.14
C LYS A 341 -11.42 5.36 11.03
N SER A 342 -11.06 4.11 11.35
CA SER A 342 -9.73 3.62 11.05
C SER A 342 -9.63 3.37 9.55
N TYR A 343 -8.59 3.90 8.92
CA TYR A 343 -8.32 3.71 7.50
C TYR A 343 -6.83 3.43 7.36
N PRO A 344 -6.39 2.86 6.22
CA PRO A 344 -5.06 2.25 6.20
C PRO A 344 -3.93 3.22 6.50
N ASN A 345 -2.97 2.76 7.30
CA ASN A 345 -1.80 3.58 7.64
C ASN A 345 -1.06 4.12 6.43
N PRO A 346 -0.81 3.34 5.37
CA PRO A 346 -0.13 3.93 4.20
C PRO A 346 -0.86 5.13 3.62
N VAL A 347 -2.20 5.10 3.66
CA VAL A 347 -2.99 6.23 3.17
C VAL A 347 -2.79 7.45 4.06
N ARG A 348 -2.65 7.25 5.37
CA ARG A 348 -2.38 8.37 6.27
C ARG A 348 -1.03 9.01 5.92
N VAL A 349 -0.01 8.18 5.68
CA VAL A 349 1.31 8.69 5.31
C VAL A 349 1.24 9.45 3.99
N GLU A 350 0.59 8.86 2.98
CA GLU A 350 0.54 9.51 1.67
C GLU A 350 -0.18 10.84 1.74
N THR A 351 -1.29 10.89 2.49
CA THR A 351 -2.04 12.13 2.64
C THR A 351 -1.20 13.20 3.34
N ALA A 352 -0.55 12.83 4.45
CA ALA A 352 0.27 13.79 5.19
C ALA A 352 1.44 14.27 4.35
N TYR A 353 2.14 13.35 3.68
CA TYR A 353 3.29 13.71 2.87
C TYR A 353 2.91 14.69 1.76
N ARG A 354 1.77 14.45 1.11
CA ARG A 354 1.36 15.33 0.03
C ARG A 354 1.06 16.74 0.54
N ILE A 355 0.40 16.86 1.70
CA ILE A 355 0.11 18.18 2.25
C ILE A 355 1.40 18.88 2.64
N LEU A 356 2.29 18.18 3.36
CA LEU A 356 3.53 18.80 3.80
C LEU A 356 4.40 19.21 2.62
N GLU A 357 4.35 18.45 1.51
CA GLU A 357 5.15 18.79 0.33
C GLU A 357 4.78 20.14 -0.26
N THR A 358 3.52 20.58 -0.08
CA THR A 358 3.12 21.88 -0.61
C THR A 358 3.70 23.04 0.19
N LEU A 359 4.20 22.79 1.40
CA LEU A 359 4.81 23.81 2.21
C LEU A 359 6.30 23.97 1.92
N GLN A 360 6.84 23.21 0.98
CA GLN A 360 8.27 23.19 0.73
C GLN A 360 8.60 23.80 -0.63
N PRO B 3 2.54 -33.48 -4.35
CA PRO B 3 1.57 -32.50 -4.85
C PRO B 3 0.96 -31.68 -3.72
N MET B 4 0.72 -30.40 -3.98
N MET B 4 0.71 -30.40 -3.99
CA MET B 4 0.14 -29.51 -2.98
CA MET B 4 0.17 -29.52 -2.96
C MET B 4 -1.36 -29.78 -2.86
C MET B 4 -1.34 -29.72 -2.86
N SER B 5 -1.81 -30.00 -1.63
N SER B 5 -1.82 -30.02 -1.65
CA SER B 5 -3.24 -30.11 -1.37
CA SER B 5 -3.26 -30.14 -1.43
C SER B 5 -3.91 -28.74 -1.52
C SER B 5 -3.91 -28.76 -1.53
N GLU B 6 -5.23 -28.77 -1.68
CA GLU B 6 -5.97 -27.51 -1.79
C GLU B 6 -5.82 -26.67 -0.53
N LYS B 7 -5.80 -27.32 0.64
CA LYS B 7 -5.58 -26.61 1.90
C LYS B 7 -4.17 -26.03 1.97
N GLN B 8 -3.16 -26.80 1.53
N GLN B 8 -3.16 -26.82 1.56
CA GLN B 8 -1.80 -26.31 1.56
CA GLN B 8 -1.80 -26.31 1.56
C GLN B 8 -1.60 -25.14 0.61
C GLN B 8 -1.65 -25.11 0.63
N LEU B 9 -2.26 -25.18 -0.56
CA LEU B 9 -2.16 -24.07 -1.50
C LEU B 9 -2.85 -22.82 -0.96
N ALA B 10 -4.04 -22.99 -0.36
CA ALA B 10 -4.72 -21.85 0.25
C ALA B 10 -3.86 -21.22 1.33
N ASP B 11 -3.14 -22.05 2.09
CA ASP B 11 -2.28 -21.53 3.15
C ASP B 11 -1.12 -20.73 2.58
N VAL B 12 -0.51 -21.23 1.50
CA VAL B 12 0.58 -20.48 0.84
C VAL B 12 0.07 -19.14 0.35
N VAL B 13 -1.09 -19.12 -0.32
CA VAL B 13 -1.61 -17.88 -0.86
C VAL B 13 -1.96 -16.91 0.27
N GLU B 14 -2.66 -17.40 1.30
CA GLU B 14 -3.06 -16.51 2.40
C GLU B 14 -1.85 -15.94 3.14
N ARG B 15 -0.85 -16.78 3.41
CA ARG B 15 0.31 -16.32 4.17
C ARG B 15 1.10 -15.28 3.40
N THR B 16 1.02 -15.30 2.07
CA THR B 16 1.70 -14.33 1.22
C THR B 16 0.86 -13.07 1.02
N VAL B 17 -0.43 -13.23 0.72
CA VAL B 17 -1.28 -12.10 0.36
C VAL B 17 -1.63 -11.24 1.57
N THR B 18 -1.90 -11.85 2.73
CA THR B 18 -2.31 -11.07 3.90
C THR B 18 -1.29 -10.02 4.29
N PRO B 19 -0.01 -10.34 4.50
CA PRO B 19 0.95 -9.27 4.82
C PRO B 19 1.15 -8.28 3.69
N LEU B 20 1.02 -8.74 2.44
CA LEU B 20 1.14 -7.84 1.30
C LEU B 20 0.06 -6.76 1.34
N MET B 21 -1.20 -7.17 1.54
CA MET B 21 -2.28 -6.20 1.54
C MET B 21 -2.14 -5.20 2.68
N LYS B 22 -1.65 -5.68 3.84
CA LYS B 22 -1.43 -4.79 4.97
C LYS B 22 -0.31 -3.79 4.69
N ALA B 23 0.82 -4.27 4.15
CA ALA B 23 1.98 -3.41 3.91
C ALA B 23 1.68 -2.37 2.84
N GLN B 24 0.85 -2.72 1.87
CA GLN B 24 0.60 -1.88 0.71
C GLN B 24 -0.73 -1.16 0.75
N ALA B 25 -1.56 -1.40 1.77
CA ALA B 25 -2.90 -0.83 1.83
C ALA B 25 -3.69 -1.15 0.56
N ILE B 26 -3.60 -2.40 0.11
CA ILE B 26 -4.41 -2.84 -1.03
C ILE B 26 -5.78 -3.20 -0.47
N PRO B 27 -6.86 -2.53 -0.86
CA PRO B 27 -8.16 -2.88 -0.23
C PRO B 27 -8.68 -4.26 -0.58
N GLY B 28 -8.49 -4.71 -1.81
CA GLY B 28 -9.06 -5.97 -2.26
C GLY B 28 -8.17 -6.63 -3.29
N MET B 29 -8.14 -7.95 -3.25
N MET B 29 -8.15 -7.96 -3.27
CA MET B 29 -7.39 -8.73 -4.22
CA MET B 29 -7.35 -8.71 -4.22
C MET B 29 -8.16 -9.98 -4.59
C MET B 29 -8.02 -10.04 -4.57
N ALA B 30 -8.04 -10.38 -5.85
CA ALA B 30 -8.49 -11.67 -6.33
C ALA B 30 -7.30 -12.38 -6.96
N VAL B 31 -7.07 -13.63 -6.56
CA VAL B 31 -5.95 -14.42 -7.05
C VAL B 31 -6.50 -15.72 -7.64
N ALA B 32 -5.99 -16.10 -8.81
CA ALA B 32 -6.22 -17.43 -9.34
C ALA B 32 -4.87 -18.11 -9.51
N VAL B 33 -4.77 -19.35 -9.05
CA VAL B 33 -3.61 -20.20 -9.31
C VAL B 33 -4.06 -21.31 -10.23
N ILE B 34 -3.33 -21.53 -11.31
CA ILE B 34 -3.56 -22.64 -12.23
C ILE B 34 -2.59 -23.75 -11.86
N TYR B 35 -3.14 -24.91 -11.51
CA TYR B 35 -2.33 -25.99 -10.98
C TYR B 35 -3.07 -27.30 -11.19
N GLN B 36 -2.38 -28.31 -11.71
CA GLN B 36 -2.98 -29.61 -11.98
C GLN B 36 -4.13 -29.53 -12.98
N GLY B 37 -4.06 -28.56 -13.89
CA GLY B 37 -5.10 -28.39 -14.88
C GLY B 37 -6.33 -27.63 -14.41
N GLN B 38 -6.33 -27.15 -13.16
CA GLN B 38 -7.51 -26.56 -12.55
C GLN B 38 -7.24 -25.13 -12.09
N PRO B 39 -8.23 -24.27 -12.16
CA PRO B 39 -8.12 -22.96 -11.50
C PRO B 39 -8.48 -23.08 -10.03
N HIS B 40 -7.76 -22.32 -9.20
CA HIS B 40 -8.01 -22.23 -7.77
C HIS B 40 -8.15 -20.75 -7.43
N TYR B 41 -9.28 -20.37 -6.83
CA TYR B 41 -9.61 -18.96 -6.63
C TYR B 41 -9.50 -18.58 -5.17
N PHE B 42 -8.96 -17.39 -4.92
CA PHE B 42 -8.79 -16.85 -3.57
C PHE B 42 -9.12 -15.37 -3.62
N THR B 43 -10.06 -14.94 -2.77
CA THR B 43 -10.49 -13.56 -2.74
C THR B 43 -10.29 -12.96 -1.36
N PHE B 44 -9.92 -11.68 -1.33
CA PHE B 44 -9.56 -11.00 -0.10
C PHE B 44 -10.08 -9.57 -0.12
N GLY B 45 -10.59 -9.12 1.02
CA GLY B 45 -10.82 -7.69 1.18
C GLY B 45 -12.02 -7.17 0.41
N LYS B 46 -11.94 -5.89 0.05
CA LYS B 46 -13.10 -5.12 -0.39
C LYS B 46 -12.91 -4.60 -1.81
N ALA B 47 -13.97 -4.76 -2.61
CA ALA B 47 -14.05 -4.15 -3.93
C ALA B 47 -14.43 -2.68 -3.84
N ASP B 48 -15.21 -2.31 -2.83
CA ASP B 48 -15.70 -0.95 -2.64
C ASP B 48 -15.61 -0.70 -1.14
N VAL B 49 -14.67 0.16 -0.73
CA VAL B 49 -14.42 0.39 0.68
C VAL B 49 -15.61 1.07 1.35
N ALA B 50 -16.13 2.14 0.73
CA ALA B 50 -17.18 2.93 1.37
C ALA B 50 -18.47 2.12 1.51
N ALA B 51 -18.79 1.30 0.51
CA ALA B 51 -19.99 0.47 0.55
C ALA B 51 -19.77 -0.86 1.23
N ASN B 52 -18.52 -1.16 1.63
CA ASN B 52 -18.18 -2.42 2.29
C ASN B 52 -18.60 -3.63 1.46
N LYS B 53 -18.32 -3.56 0.15
CA LYS B 53 -18.62 -4.69 -0.74
C LYS B 53 -17.39 -5.57 -0.87
N PRO B 54 -17.50 -6.87 -0.65
CA PRO B 54 -16.32 -7.74 -0.71
C PRO B 54 -15.91 -8.07 -2.14
N VAL B 55 -14.61 -8.34 -2.30
CA VAL B 55 -14.14 -8.96 -3.54
C VAL B 55 -14.68 -10.37 -3.62
N THR B 56 -15.21 -10.74 -4.78
CA THR B 56 -15.67 -12.09 -5.09
C THR B 56 -15.04 -12.52 -6.40
N PRO B 57 -15.21 -13.77 -6.80
CA PRO B 57 -14.73 -14.18 -8.14
C PRO B 57 -15.41 -13.47 -9.30
N GLN B 58 -16.47 -12.71 -9.05
N GLN B 58 -16.48 -12.73 -9.06
CA GLN B 58 -17.17 -11.96 -10.08
CA GLN B 58 -17.15 -11.95 -10.10
C GLN B 58 -16.78 -10.48 -10.10
C GLN B 58 -16.69 -10.50 -10.16
N THR B 59 -15.92 -10.04 -9.17
CA THR B 59 -15.50 -8.64 -9.15
C THR B 59 -14.65 -8.31 -10.37
N LEU B 60 -14.98 -7.20 -11.04
CA LEU B 60 -14.22 -6.72 -12.18
C LEU B 60 -13.11 -5.77 -11.73
N PHE B 61 -11.90 -6.00 -12.23
CA PHE B 61 -10.76 -5.14 -11.98
C PHE B 61 -10.25 -4.58 -13.30
N GLU B 62 -9.64 -3.40 -13.24
CA GLU B 62 -8.94 -2.86 -14.39
C GLU B 62 -7.62 -3.59 -14.58
N LEU B 63 -7.38 -4.10 -15.79
CA LEU B 63 -6.16 -4.83 -16.07
C LEU B 63 -4.99 -3.92 -16.44
N GLY B 64 -5.26 -2.67 -16.80
CA GLY B 64 -4.16 -1.84 -17.27
C GLY B 64 -3.44 -2.51 -18.42
N SER B 65 -2.11 -2.45 -18.37
CA SER B 65 -1.30 -2.94 -19.48
C SER B 65 -1.34 -4.45 -19.68
N VAL B 66 -1.95 -5.23 -18.78
CA VAL B 66 -2.21 -6.63 -19.13
C VAL B 66 -3.13 -6.70 -20.35
N SER B 67 -3.87 -5.63 -20.61
CA SER B 67 -4.66 -5.53 -21.84
C SER B 67 -3.81 -5.76 -23.08
N LYS B 68 -2.52 -5.38 -23.02
CA LYS B 68 -1.65 -5.55 -24.17
C LYS B 68 -1.48 -7.01 -24.58
N THR B 69 -1.67 -7.96 -23.64
CA THR B 69 -1.60 -9.37 -24.03
C THR B 69 -2.79 -9.76 -24.90
N PHE B 70 -3.98 -9.21 -24.60
CA PHE B 70 -5.12 -9.43 -25.48
C PHE B 70 -4.90 -8.81 -26.85
N THR B 71 -4.38 -7.57 -26.87
CA THR B 71 -4.06 -6.91 -28.14
C THR B 71 -3.05 -7.71 -28.94
N GLY B 72 -2.01 -8.24 -28.28
CA GLY B 72 -1.01 -9.01 -28.99
C GLY B 72 -1.58 -10.28 -29.60
N VAL B 73 -2.43 -10.98 -28.85
CA VAL B 73 -3.06 -12.20 -29.35
C VAL B 73 -4.04 -11.88 -30.48
N LEU B 74 -4.79 -10.79 -30.37
CA LEU B 74 -5.67 -10.38 -31.47
C LEU B 74 -4.85 -10.10 -32.73
N GLY B 75 -3.71 -9.44 -32.58
CA GLY B 75 -2.81 -9.25 -33.71
C GLY B 75 -2.28 -10.55 -34.27
N GLY B 76 -1.87 -11.47 -33.39
CA GLY B 76 -1.43 -12.78 -33.86
C GLY B 76 -2.51 -13.51 -34.62
N ASP B 77 -3.76 -13.39 -34.16
CA ASP B 77 -4.89 -14.00 -34.87
C ASP B 77 -5.05 -13.40 -36.26
N ALA B 78 -4.89 -12.08 -36.39
CA ALA B 78 -4.98 -11.43 -37.70
C ALA B 78 -3.87 -11.90 -38.63
N ILE B 79 -2.68 -12.17 -38.08
CA ILE B 79 -1.60 -12.74 -38.89
C ILE B 79 -1.98 -14.12 -39.37
N ALA B 80 -2.54 -14.94 -38.47
CA ALA B 80 -2.91 -16.31 -38.84
C ALA B 80 -4.03 -16.31 -39.87
N ARG B 81 -4.92 -15.31 -39.84
CA ARG B 81 -5.94 -15.15 -40.85
C ARG B 81 -5.41 -14.66 -42.18
N LYS B 82 -4.12 -14.31 -42.25
CA LYS B 82 -3.50 -13.73 -43.44
C LYS B 82 -4.06 -12.36 -43.77
N GLU B 83 -4.60 -11.66 -42.77
CA GLU B 83 -5.07 -10.29 -42.96
C GLU B 83 -3.94 -9.28 -42.84
N ILE B 84 -2.94 -9.56 -41.99
CA ILE B 84 -1.79 -8.69 -41.83
C ILE B 84 -0.53 -9.55 -41.73
N SER B 85 0.61 -8.89 -41.89
CA SER B 85 1.91 -9.47 -41.57
C SER B 85 2.70 -8.46 -40.75
N LEU B 86 3.49 -8.97 -39.81
CA LEU B 86 4.35 -8.07 -39.04
C LEU B 86 5.36 -7.36 -39.93
N ALA B 87 5.66 -7.91 -41.11
CA ALA B 87 6.55 -7.25 -42.06
C ALA B 87 5.86 -6.14 -42.85
N ASP B 88 4.55 -5.96 -42.71
CA ASP B 88 3.86 -4.93 -43.47
C ASP B 88 4.27 -3.54 -42.99
N PRO B 89 4.28 -2.56 -43.89
CA PRO B 89 4.55 -1.18 -43.46
C PRO B 89 3.33 -0.59 -42.76
N VAL B 90 3.61 0.27 -41.77
CA VAL B 90 2.53 0.99 -41.08
C VAL B 90 1.69 1.77 -42.08
N THR B 91 2.34 2.33 -43.12
CA THR B 91 1.65 3.13 -44.12
C THR B 91 0.58 2.36 -44.88
N LYS B 92 0.67 1.03 -44.93
CA LYS B 92 -0.39 0.26 -45.57
C LYS B 92 -1.72 0.44 -44.86
N TYR B 93 -1.68 0.65 -43.54
CA TYR B 93 -2.88 0.71 -42.73
C TYR B 93 -3.24 2.12 -42.30
N TRP B 94 -2.29 3.05 -42.33
CA TRP B 94 -2.55 4.48 -42.09
C TRP B 94 -1.77 5.26 -43.12
N PRO B 95 -2.28 5.32 -44.36
CA PRO B 95 -1.51 5.97 -45.44
C PRO B 95 -1.29 7.45 -45.21
N GLU B 96 -2.07 8.09 -44.34
CA GLU B 96 -1.84 9.49 -44.02
C GLU B 96 -0.55 9.72 -43.25
N LEU B 97 0.07 8.66 -42.71
CA LEU B 97 1.34 8.78 -41.99
C LEU B 97 2.48 8.89 -43.00
N THR B 98 2.57 10.06 -43.63
CA THR B 98 3.49 10.31 -44.73
C THR B 98 4.85 10.86 -44.28
N GLY B 99 5.04 11.09 -42.99
CA GLY B 99 6.30 11.66 -42.54
C GLY B 99 7.49 10.77 -42.83
N LYS B 100 8.65 11.40 -42.99
CA LYS B 100 9.87 10.65 -43.29
C LYS B 100 10.20 9.64 -42.20
N GLN B 101 9.82 9.92 -40.96
CA GLN B 101 10.12 9.02 -39.85
C GLN B 101 9.30 7.73 -39.91
N TRP B 102 8.24 7.69 -40.72
CA TRP B 102 7.39 6.52 -40.82
C TRP B 102 7.75 5.62 -42.00
N GLN B 103 8.67 6.06 -42.86
CA GLN B 103 9.04 5.30 -44.05
C GLN B 103 9.82 4.04 -43.68
N GLY B 104 9.27 2.87 -44.00
CA GLY B 104 9.92 1.62 -43.65
C GLY B 104 9.61 1.09 -42.26
N ILE B 105 8.85 1.82 -41.45
CA ILE B 105 8.44 1.28 -40.15
C ILE B 105 7.43 0.17 -40.38
N ARG B 106 7.66 -0.97 -39.73
CA ARG B 106 6.82 -2.15 -39.89
C ARG B 106 5.85 -2.27 -38.72
N LEU B 107 4.77 -3.03 -38.93
CA LEU B 107 3.91 -3.39 -37.81
C LEU B 107 4.72 -4.03 -36.68
N LEU B 108 5.76 -4.81 -37.03
CA LEU B 108 6.62 -5.40 -36.00
C LEU B 108 7.18 -4.34 -35.07
N ASP B 109 7.58 -3.20 -35.63
CA ASP B 109 8.18 -2.14 -34.81
C ASP B 109 7.18 -1.55 -33.82
N LEU B 110 5.92 -1.36 -34.23
CA LEU B 110 4.91 -0.83 -33.31
C LEU B 110 4.55 -1.84 -32.24
N ALA B 111 4.37 -3.10 -32.65
CA ALA B 111 3.92 -4.11 -31.70
C ALA B 111 4.92 -4.30 -30.58
N THR B 112 6.21 -4.07 -30.85
CA THR B 112 7.27 -4.45 -29.93
C THR B 112 8.08 -3.27 -29.42
N TYR B 113 7.59 -2.04 -29.62
CA TYR B 113 8.13 -0.83 -28.98
C TYR B 113 9.47 -0.39 -29.57
N THR B 114 9.76 -0.73 -30.84
CA THR B 114 11.06 -0.48 -31.44
C THR B 114 10.99 0.51 -32.59
N ALA B 115 9.93 1.32 -32.68
CA ALA B 115 9.83 2.28 -33.76
C ALA B 115 10.88 3.37 -33.68
N GLY B 116 11.43 3.63 -32.51
CA GLY B 116 12.48 4.63 -32.39
C GLY B 116 12.19 5.72 -31.38
N GLY B 117 11.44 5.39 -30.33
CA GLY B 117 11.21 6.33 -29.25
C GLY B 117 9.84 6.95 -29.19
N LEU B 118 8.83 6.25 -29.72
CA LEU B 118 7.45 6.69 -29.49
C LEU B 118 7.22 6.75 -27.98
N PRO B 119 6.58 7.80 -27.47
CA PRO B 119 6.56 8.00 -26.02
C PRO B 119 5.52 7.14 -25.32
N LEU B 120 5.64 7.11 -23.99
CA LEU B 120 4.82 6.20 -23.19
C LEU B 120 3.34 6.48 -23.35
N GLN B 121 2.92 7.75 -23.36
CA GLN B 121 1.51 8.09 -23.28
C GLN B 121 1.07 8.92 -24.47
N VAL B 122 -0.14 8.62 -24.96
CA VAL B 122 -0.86 9.60 -25.77
C VAL B 122 -1.23 10.77 -24.87
N PRO B 123 -0.93 12.01 -25.24
CA PRO B 123 -1.28 13.13 -24.38
C PRO B 123 -2.78 13.20 -24.18
N ASP B 124 -3.18 13.64 -22.98
CA ASP B 124 -4.61 13.71 -22.66
C ASP B 124 -5.34 14.70 -23.55
N ASN B 125 -4.62 15.70 -24.07
CA ASN B 125 -5.24 16.70 -24.94
C ASN B 125 -5.43 16.21 -26.37
N VAL B 126 -5.00 15.00 -26.69
CA VAL B 126 -5.26 14.37 -27.98
C VAL B 126 -6.53 13.54 -27.83
N THR B 127 -7.64 14.03 -28.42
CA THR B 127 -8.94 13.46 -28.15
C THR B 127 -9.70 13.04 -29.40
N ASP B 128 -9.10 13.13 -30.59
CA ASP B 128 -9.75 12.69 -31.80
C ASP B 128 -8.69 12.25 -32.81
N ASN B 129 -9.15 11.66 -33.91
CA ASN B 129 -8.21 11.13 -34.89
C ASN B 129 -7.43 12.23 -35.59
N ALA B 130 -8.02 13.41 -35.79
CA ALA B 130 -7.29 14.51 -36.38
C ALA B 130 -6.10 14.92 -35.51
N SER B 131 -6.33 15.04 -34.20
N SER B 131 -6.33 15.04 -34.20
CA SER B 131 -5.24 15.38 -33.29
CA SER B 131 -5.24 15.38 -33.29
C SER B 131 -4.26 14.23 -33.16
C SER B 131 -4.26 14.22 -33.13
N LEU B 132 -4.75 12.99 -33.18
CA LEU B 132 -3.86 11.83 -33.10
C LEU B 132 -2.93 11.76 -34.31
N LEU B 133 -3.46 12.06 -35.50
CA LEU B 133 -2.61 12.13 -36.69
C LEU B 133 -1.52 13.19 -36.53
N ARG B 134 -1.88 14.38 -36.05
CA ARG B 134 -0.88 15.42 -35.85
C ARG B 134 0.16 14.98 -34.83
N PHE B 135 -0.27 14.24 -33.80
CA PHE B 135 0.67 13.73 -32.80
C PHE B 135 1.71 12.82 -33.44
N TYR B 136 1.25 11.84 -34.21
CA TYR B 136 2.18 10.91 -34.84
C TYR B 136 3.00 11.59 -35.93
N GLN B 137 2.43 12.58 -36.64
N GLN B 137 2.40 12.54 -36.67
CA GLN B 137 3.18 13.24 -37.70
CA GLN B 137 3.13 13.28 -37.70
C GLN B 137 4.23 14.21 -37.16
C GLN B 137 4.27 14.07 -37.08
N SER B 138 4.01 14.76 -35.97
CA SER B 138 4.99 15.65 -35.35
C SER B 138 6.09 14.90 -34.63
N TRP B 139 5.92 13.60 -34.41
CA TRP B 139 6.85 12.86 -33.57
C TRP B 139 8.21 12.74 -34.25
N GLN B 140 9.26 13.13 -33.54
N GLN B 140 9.24 13.17 -33.52
CA GLN B 140 10.61 13.04 -34.08
CA GLN B 140 10.62 13.03 -33.94
C GLN B 140 11.37 11.93 -33.34
C GLN B 140 11.21 11.80 -33.25
N PRO B 141 11.69 10.80 -34.00
CA PRO B 141 12.36 9.65 -33.37
C PRO B 141 13.73 10.01 -32.80
N GLY B 146 14.10 -0.07 -34.94
CA GLY B 146 14.66 -1.41 -34.78
C GLY B 146 15.95 -1.43 -33.99
N THR B 147 16.21 -0.38 -33.23
CA THR B 147 17.45 -0.23 -32.49
C THR B 147 17.27 -0.12 -30.99
N THR B 148 16.12 0.38 -30.52
CA THR B 148 15.92 0.63 -29.10
C THR B 148 14.49 0.28 -28.72
N ARG B 149 14.32 -0.32 -27.55
CA ARG B 149 13.01 -0.61 -26.98
C ARG B 149 12.65 0.52 -26.03
N LEU B 150 11.49 1.14 -26.27
CA LEU B 150 10.91 2.10 -25.33
C LEU B 150 9.46 1.68 -25.13
N TYR B 151 9.18 1.07 -23.99
CA TYR B 151 7.82 0.65 -23.65
C TYR B 151 6.86 1.83 -23.77
N ALA B 152 5.75 1.63 -24.49
CA ALA B 152 4.98 2.79 -24.89
C ALA B 152 3.56 2.38 -25.31
N ASN B 153 2.56 3.08 -24.76
CA ASN B 153 1.18 2.89 -25.20
C ASN B 153 0.98 3.40 -26.61
N THR B 154 1.70 4.46 -27.01
CA THR B 154 1.57 5.02 -28.35
C THR B 154 2.07 4.08 -29.43
N SER B 155 2.82 3.05 -29.06
CA SER B 155 3.38 2.11 -30.01
C SER B 155 2.45 0.90 -30.17
N ILE B 156 2.32 0.09 -29.11
CA ILE B 156 1.49 -1.11 -29.20
C ILE B 156 0.00 -0.76 -29.30
N GLY B 157 -0.43 0.34 -28.68
CA GLY B 157 -1.79 0.79 -28.89
C GLY B 157 -2.10 1.02 -30.36
N LEU B 158 -1.18 1.68 -31.06
CA LEU B 158 -1.38 1.91 -32.49
C LEU B 158 -1.37 0.59 -33.26
N PHE B 159 -0.49 -0.34 -32.88
CA PHE B 159 -0.49 -1.65 -33.53
C PHE B 159 -1.87 -2.29 -33.52
N GLY B 160 -2.53 -2.29 -32.34
CA GLY B 160 -3.85 -2.91 -32.25
C GLY B 160 -4.89 -2.24 -33.12
N SER B 161 -4.88 -0.90 -33.15
N SER B 161 -4.87 -0.90 -33.18
CA SER B 161 -5.82 -0.17 -33.99
CA SER B 161 -5.84 -0.18 -33.99
C SER B 161 -5.63 -0.50 -35.46
C SER B 161 -5.63 -0.47 -35.48
N LEU B 162 -4.38 -0.61 -35.91
CA LEU B 162 -4.12 -0.88 -37.32
C LEU B 162 -4.37 -2.34 -37.67
N ALA B 163 -4.09 -3.25 -36.73
CA ALA B 163 -4.19 -4.69 -37.01
C ALA B 163 -5.62 -5.11 -37.34
N VAL B 164 -6.61 -4.40 -36.82
CA VAL B 164 -8.01 -4.76 -37.03
C VAL B 164 -8.61 -4.12 -38.28
N LYS B 165 -7.86 -3.29 -39.00
CA LYS B 165 -8.43 -2.61 -40.16
C LYS B 165 -8.91 -3.58 -41.24
N PRO B 166 -8.14 -4.60 -41.64
CA PRO B 166 -8.66 -5.53 -42.65
C PRO B 166 -9.95 -6.21 -42.25
N SER B 167 -10.19 -6.42 -40.96
CA SER B 167 -11.39 -7.11 -40.52
C SER B 167 -12.66 -6.29 -40.77
N GLY B 168 -12.53 -4.98 -40.97
CA GLY B 168 -13.68 -4.12 -41.11
C GLY B 168 -14.40 -3.79 -39.81
N MET B 169 -13.89 -4.26 -38.68
CA MET B 169 -14.51 -4.03 -37.38
C MET B 169 -13.70 -3.02 -36.58
N ARG B 170 -14.39 -2.26 -35.73
CA ARG B 170 -13.70 -1.48 -34.71
C ARG B 170 -12.99 -2.42 -33.75
N PHE B 171 -11.97 -1.89 -33.07
CA PHE B 171 -11.12 -2.73 -32.22
C PHE B 171 -11.94 -3.49 -31.18
N GLU B 172 -12.87 -2.81 -30.50
CA GLU B 172 -13.62 -3.46 -29.44
C GLU B 172 -14.43 -4.63 -29.97
N GLN B 173 -15.07 -4.46 -31.13
N GLN B 173 -15.05 -4.47 -31.15
CA GLN B 173 -15.86 -5.54 -31.70
CA GLN B 173 -15.87 -5.54 -31.71
C GLN B 173 -14.97 -6.69 -32.15
C GLN B 173 -15.01 -6.69 -32.21
N ALA B 174 -13.85 -6.39 -32.81
CA ALA B 174 -12.93 -7.43 -33.23
C ALA B 174 -12.42 -8.24 -32.03
N MET B 175 -12.09 -7.55 -30.93
CA MET B 175 -11.59 -8.24 -29.74
C MET B 175 -12.65 -9.19 -29.17
N ALA B 176 -13.88 -8.70 -29.06
CA ALA B 176 -14.95 -9.54 -28.51
C ALA B 176 -15.24 -10.73 -29.41
N GLU B 177 -15.28 -10.52 -30.72
CA GLU B 177 -15.65 -11.58 -31.65
C GLU B 177 -14.55 -12.61 -31.84
N ARG B 178 -13.28 -12.17 -31.81
CA ARG B 178 -12.18 -13.02 -32.20
C ARG B 178 -11.36 -13.56 -31.03
N VAL B 179 -11.46 -12.95 -29.85
CA VAL B 179 -10.66 -13.37 -28.71
C VAL B 179 -11.56 -13.69 -27.52
N PHE B 180 -12.38 -12.73 -27.07
CA PHE B 180 -13.17 -12.97 -25.86
C PHE B 180 -14.13 -14.14 -26.06
N LYS B 181 -15.03 -14.04 -27.04
CA LYS B 181 -16.07 -15.06 -27.19
C LYS B 181 -15.52 -16.44 -27.52
N PRO B 182 -14.54 -16.61 -28.42
CA PRO B 182 -14.00 -17.96 -28.67
C PRO B 182 -13.38 -18.61 -27.44
N LEU B 183 -12.97 -17.82 -26.44
CA LEU B 183 -12.43 -18.36 -25.20
C LEU B 183 -13.43 -18.35 -24.07
N LYS B 184 -14.69 -18.02 -24.37
CA LYS B 184 -15.76 -18.00 -23.37
C LYS B 184 -15.48 -17.01 -22.24
N LEU B 185 -14.81 -15.90 -22.59
CA LEU B 185 -14.55 -14.82 -21.64
C LEU B 185 -15.74 -13.86 -21.72
N ASN B 186 -16.82 -14.25 -21.04
CA ASN B 186 -18.09 -13.55 -21.14
C ASN B 186 -18.27 -12.48 -20.07
N HIS B 187 -17.27 -12.26 -19.24
CA HIS B 187 -17.27 -11.22 -18.22
C HIS B 187 -15.98 -10.43 -18.30
N THR B 188 -15.55 -10.18 -19.54
CA THR B 188 -14.35 -9.42 -19.86
C THR B 188 -14.77 -8.32 -20.81
N TRP B 189 -14.44 -7.08 -20.48
CA TRP B 189 -15.09 -5.92 -21.08
C TRP B 189 -14.07 -4.84 -21.41
N ILE B 190 -14.26 -4.21 -22.56
CA ILE B 190 -13.55 -2.96 -22.82
C ILE B 190 -14.35 -1.77 -22.30
N ASN B 191 -15.68 -1.84 -22.46
CA ASN B 191 -16.60 -0.91 -21.83
C ASN B 191 -17.54 -1.75 -20.96
N VAL B 192 -17.56 -1.46 -19.67
CA VAL B 192 -18.37 -2.25 -18.74
C VAL B 192 -19.84 -1.89 -18.97
N PRO B 193 -20.69 -2.85 -19.29
CA PRO B 193 -22.11 -2.54 -19.49
C PRO B 193 -22.76 -2.07 -18.20
N HIS B 194 -23.81 -1.26 -18.35
CA HIS B 194 -24.54 -0.77 -17.18
C HIS B 194 -24.96 -1.92 -16.29
N ALA B 195 -25.43 -3.03 -16.88
CA ALA B 195 -25.90 -4.17 -16.11
C ALA B 195 -24.78 -4.86 -15.33
N GLU B 196 -23.52 -4.60 -15.64
CA GLU B 196 -22.40 -5.22 -14.96
C GLU B 196 -21.71 -4.31 -13.95
N GLU B 197 -22.16 -3.05 -13.84
CA GLU B 197 -21.46 -2.06 -13.03
C GLU B 197 -21.43 -2.44 -11.56
N SER B 198 -22.43 -3.19 -11.08
CA SER B 198 -22.43 -3.61 -9.69
C SER B 198 -21.20 -4.45 -9.35
N HIS B 199 -20.58 -5.08 -10.35
CA HIS B 199 -19.40 -5.91 -10.13
C HIS B 199 -18.08 -5.14 -10.24
N TYR B 200 -18.12 -3.88 -10.67
CA TYR B 200 -16.91 -3.14 -11.01
C TYR B 200 -16.31 -2.55 -9.74
N ALA B 201 -15.19 -3.10 -9.29
CA ALA B 201 -14.50 -2.57 -8.12
C ALA B 201 -14.10 -1.11 -8.35
N TRP B 202 -14.01 -0.36 -7.26
CA TRP B 202 -13.32 0.91 -7.30
C TRP B 202 -11.81 0.69 -7.17
N GLY B 203 -11.04 1.51 -7.87
CA GLY B 203 -9.62 1.58 -7.62
C GLY B 203 -9.30 2.63 -6.58
N TYR B 204 -8.14 2.50 -5.95
CA TYR B 204 -7.75 3.40 -4.87
C TYR B 204 -6.35 3.94 -5.11
N ARG B 205 -6.25 5.26 -5.20
N ARG B 205 -6.25 5.27 -5.19
CA ARG B 205 -4.98 5.96 -5.37
CA ARG B 205 -4.97 5.96 -5.37
C ARG B 205 -4.86 6.96 -4.22
C ARG B 205 -4.85 6.97 -4.24
N GLU B 206 -3.87 6.76 -3.37
CA GLU B 206 -3.72 7.54 -2.14
C GLU B 206 -5.03 7.58 -1.35
N GLY B 207 -5.76 6.46 -1.38
CA GLY B 207 -7.00 6.35 -0.63
C GLY B 207 -8.23 6.93 -1.31
N LYS B 208 -8.08 7.52 -2.49
CA LYS B 208 -9.20 8.11 -3.22
C LYS B 208 -9.71 7.10 -4.24
N ALA B 209 -11.04 7.07 -4.42
CA ALA B 209 -11.66 6.12 -5.34
C ALA B 209 -11.60 6.63 -6.77
N VAL B 210 -11.09 5.79 -7.68
CA VAL B 210 -10.84 6.20 -9.05
C VAL B 210 -11.13 5.05 -10.01
N HIS B 211 -11.54 5.42 -11.23
CA HIS B 211 -11.61 4.51 -12.37
C HIS B 211 -10.81 5.13 -13.51
N VAL B 212 -10.36 4.28 -14.42
CA VAL B 212 -9.50 4.73 -15.51
C VAL B 212 -10.25 5.74 -16.38
N SER B 213 -9.52 6.80 -16.79
CA SER B 213 -10.08 7.86 -17.62
C SER B 213 -10.06 7.44 -19.09
N PRO B 214 -11.02 7.90 -19.89
CA PRO B 214 -10.96 7.63 -21.33
C PRO B 214 -9.74 8.30 -21.97
N GLY B 215 -9.23 7.67 -23.02
CA GLY B 215 -8.15 8.24 -23.79
C GLY B 215 -8.04 7.56 -25.13
N MET B 216 -7.40 8.25 -26.07
N MET B 216 -7.38 8.23 -26.07
CA MET B 216 -7.18 7.63 -27.38
CA MET B 216 -7.20 7.62 -27.38
C MET B 216 -6.30 6.39 -27.23
C MET B 216 -6.27 6.42 -27.28
N LEU B 217 -6.64 5.35 -27.98
CA LEU B 217 -5.96 4.05 -27.91
C LEU B 217 -6.07 3.37 -26.55
N ASP B 218 -7.04 3.76 -25.72
CA ASP B 218 -7.16 3.16 -24.39
C ASP B 218 -7.53 1.67 -24.48
N ALA B 219 -8.50 1.33 -25.32
CA ALA B 219 -8.91 -0.06 -25.44
C ALA B 219 -7.73 -0.96 -25.79
N GLU B 220 -6.86 -0.48 -26.69
CA GLU B 220 -5.75 -1.28 -27.19
C GLU B 220 -4.62 -1.39 -26.20
N ALA B 221 -4.39 -0.37 -25.39
CA ALA B 221 -3.20 -0.31 -24.55
C ALA B 221 -3.46 -0.63 -23.08
N TYR B 222 -4.63 -0.28 -22.54
CA TYR B 222 -4.78 -0.43 -21.09
C TYR B 222 -6.23 -0.53 -20.64
N GLY B 223 -7.19 -0.83 -21.51
CA GLY B 223 -8.59 -0.61 -21.17
C GLY B 223 -9.45 -1.81 -20.84
N VAL B 224 -8.90 -3.02 -20.74
CA VAL B 224 -9.73 -4.19 -20.45
C VAL B 224 -10.01 -4.27 -18.95
N LYS B 225 -11.25 -4.66 -18.63
CA LYS B 225 -11.67 -5.00 -17.27
C LYS B 225 -12.11 -6.47 -17.27
N SER B 226 -11.78 -7.21 -16.21
CA SER B 226 -12.12 -8.62 -16.17
C SER B 226 -12.20 -9.08 -14.72
N ASN B 227 -12.78 -10.27 -14.53
CA ASN B 227 -12.82 -10.89 -13.22
C ASN B 227 -11.78 -12.01 -13.13
N VAL B 228 -11.62 -12.56 -11.92
CA VAL B 228 -10.53 -13.51 -11.71
C VAL B 228 -10.80 -14.81 -12.46
N LYS B 229 -12.06 -15.15 -12.70
CA LYS B 229 -12.37 -16.41 -13.38
C LYS B 229 -12.02 -16.34 -14.87
N ASP B 230 -12.44 -15.26 -15.53
CA ASP B 230 -12.06 -15.08 -16.93
C ASP B 230 -10.55 -14.96 -17.06
N MET B 231 -9.89 -14.29 -16.10
CA MET B 231 -8.45 -14.14 -16.22
C MET B 231 -7.73 -15.47 -16.01
N ALA B 232 -8.25 -16.34 -15.15
CA ALA B 232 -7.72 -17.70 -15.05
C ALA B 232 -7.87 -18.42 -16.38
N SER B 233 -9.02 -18.28 -17.03
N SER B 233 -9.02 -18.26 -17.04
CA SER B 233 -9.23 -18.88 -18.34
CA SER B 233 -9.22 -18.90 -18.34
C SER B 233 -8.25 -18.33 -19.37
C SER B 233 -8.26 -18.33 -19.39
N TRP B 234 -7.97 -17.03 -19.31
CA TRP B 234 -7.02 -16.42 -20.23
C TRP B 234 -5.63 -17.01 -20.02
N VAL B 235 -5.22 -17.14 -18.77
CA VAL B 235 -3.92 -17.74 -18.49
C VAL B 235 -3.88 -19.17 -19.00
N MET B 236 -4.94 -19.94 -18.74
N MET B 236 -4.94 -19.94 -18.73
CA MET B 236 -4.95 -21.34 -19.17
CA MET B 236 -4.97 -21.34 -19.17
C MET B 236 -4.84 -21.45 -20.69
C MET B 236 -4.84 -21.46 -20.69
N ALA B 237 -5.50 -20.58 -21.43
CA ALA B 237 -5.44 -20.63 -22.90
C ALA B 237 -4.05 -20.30 -23.41
N ASN B 238 -3.39 -19.32 -22.81
CA ASN B 238 -2.05 -18.93 -23.26
C ASN B 238 -0.98 -19.89 -22.77
N MET B 239 -1.22 -20.56 -21.65
N MET B 239 -1.24 -20.58 -21.65
CA MET B 239 -0.24 -21.52 -21.14
CA MET B 239 -0.30 -21.52 -21.06
C MET B 239 -0.30 -22.84 -21.88
C MET B 239 -0.34 -22.87 -21.75
N ALA B 240 -1.48 -23.25 -22.32
CA ALA B 240 -1.66 -24.57 -22.95
C ALA B 240 -2.55 -24.46 -24.17
N PRO B 241 -2.13 -23.70 -25.19
CA PRO B 241 -2.97 -23.56 -26.39
C PRO B 241 -3.13 -24.85 -27.15
N GLU B 242 -2.27 -25.84 -26.92
CA GLU B 242 -2.40 -27.14 -27.58
C GLU B 242 -3.67 -27.88 -27.18
N THR B 243 -4.29 -27.50 -26.08
CA THR B 243 -5.57 -28.10 -25.70
C THR B 243 -6.75 -27.46 -26.42
N LEU B 244 -6.52 -26.37 -27.14
CA LEU B 244 -7.56 -25.75 -27.96
C LEU B 244 -7.64 -26.43 -29.31
N PRO B 245 -8.80 -26.40 -29.98
CA PRO B 245 -8.88 -26.94 -31.33
C PRO B 245 -8.04 -26.10 -32.29
N PRO B 246 -7.56 -26.70 -33.37
CA PRO B 246 -6.84 -25.90 -34.38
C PRO B 246 -7.71 -24.77 -34.89
N SER B 247 -7.15 -23.56 -34.88
CA SER B 247 -7.88 -22.35 -35.24
C SER B 247 -6.87 -21.22 -35.40
N THR B 248 -7.31 -20.14 -36.05
CA THR B 248 -6.44 -18.96 -36.14
C THR B 248 -6.13 -18.38 -34.76
N LEU B 249 -7.04 -18.52 -33.79
CA LEU B 249 -6.75 -18.01 -32.46
C LEU B 249 -5.65 -18.81 -31.79
N GLN B 250 -5.67 -20.14 -31.93
CA GLN B 250 -4.59 -20.96 -31.40
C GLN B 250 -3.26 -20.54 -32.00
N GLN B 251 -3.23 -20.35 -33.33
N GLN B 251 -3.21 -20.35 -33.33
CA GLN B 251 -2.02 -19.88 -33.99
CA GLN B 251 -1.97 -19.90 -33.94
C GLN B 251 -1.61 -18.51 -33.48
C GLN B 251 -1.60 -18.49 -33.48
N GLY B 252 -2.59 -17.62 -33.28
CA GLY B 252 -2.29 -16.28 -32.79
C GLY B 252 -1.68 -16.27 -31.41
N ILE B 253 -2.14 -17.17 -30.53
CA ILE B 253 -1.51 -17.34 -29.23
C ILE B 253 -0.03 -17.70 -29.38
N ALA B 254 0.29 -18.62 -30.30
CA ALA B 254 1.69 -18.98 -30.52
C ALA B 254 2.48 -17.78 -31.05
N LEU B 255 1.90 -17.02 -31.98
CA LEU B 255 2.62 -15.88 -32.52
C LEU B 255 2.90 -14.83 -31.46
N ALA B 256 2.01 -14.68 -30.47
CA ALA B 256 2.19 -13.67 -29.44
C ALA B 256 3.26 -14.06 -28.41
N GLN B 257 3.57 -15.36 -28.30
CA GLN B 257 4.66 -15.81 -27.44
C GLN B 257 5.93 -16.12 -28.20
N SER B 258 5.96 -15.83 -29.50
CA SER B 258 7.20 -15.91 -30.25
C SER B 258 8.12 -14.78 -29.80
N ARG B 259 9.41 -14.95 -30.06
CA ARG B 259 10.44 -14.03 -29.58
C ARG B 259 10.96 -13.20 -30.73
N TYR B 260 10.68 -11.90 -30.68
CA TYR B 260 11.05 -10.98 -31.75
C TYR B 260 12.20 -10.05 -31.41
N TRP B 261 12.41 -9.75 -30.13
CA TRP B 261 13.47 -8.88 -29.66
C TRP B 261 13.98 -9.41 -28.33
N ARG B 262 15.24 -9.09 -28.01
CA ARG B 262 15.86 -9.47 -26.76
C ARG B 262 16.43 -8.23 -26.09
N VAL B 263 16.14 -8.08 -24.80
CA VAL B 263 16.68 -7.01 -23.97
C VAL B 263 17.22 -7.67 -22.72
N GLY B 264 18.53 -7.89 -22.67
CA GLY B 264 19.12 -8.61 -21.57
C GLY B 264 18.61 -10.03 -21.48
N ALA B 265 17.95 -10.37 -20.37
CA ALA B 265 17.40 -11.70 -20.19
C ALA B 265 15.95 -11.81 -20.61
N MET B 266 15.34 -10.73 -21.10
N MET B 266 15.33 -10.74 -21.08
CA MET B 266 13.93 -10.71 -21.47
CA MET B 266 13.92 -10.79 -21.44
C MET B 266 13.77 -10.75 -22.98
C MET B 266 13.78 -10.79 -22.96
N TYR B 267 12.71 -11.43 -23.43
CA TYR B 267 12.37 -11.50 -24.83
C TYR B 267 10.97 -10.94 -25.02
N GLN B 268 10.81 -10.16 -26.08
CA GLN B 268 9.57 -9.46 -26.34
C GLN B 268 8.74 -10.26 -27.33
N GLY B 269 7.53 -10.63 -26.93
CA GLY B 269 6.52 -11.17 -27.81
C GLY B 269 5.60 -10.08 -28.31
N LEU B 270 4.35 -10.45 -28.61
CA LEU B 270 3.29 -9.48 -28.92
C LEU B 270 2.50 -9.31 -27.62
N GLY B 271 2.77 -8.22 -26.91
CA GLY B 271 2.18 -8.03 -25.59
C GLY B 271 2.87 -8.80 -24.49
N TRP B 272 2.92 -10.13 -24.62
CA TRP B 272 3.61 -10.94 -23.64
C TRP B 272 5.11 -10.66 -23.63
N GLU B 273 5.72 -10.85 -22.46
CA GLU B 273 7.16 -10.79 -22.29
C GLU B 273 7.60 -12.12 -21.67
N MET B 274 8.81 -12.55 -22.01
CA MET B 274 9.24 -13.89 -21.65
C MET B 274 10.69 -13.88 -21.17
N LEU B 275 10.99 -14.74 -20.20
CA LEU B 275 12.35 -15.05 -19.82
C LEU B 275 12.53 -16.56 -19.85
N ASN B 276 13.76 -17.01 -20.14
CA ASN B 276 14.02 -18.44 -20.14
C ASN B 276 13.86 -19.02 -18.75
N TRP B 277 13.21 -20.18 -18.66
CA TRP B 277 13.05 -20.91 -17.41
C TRP B 277 14.01 -22.10 -17.39
N PRO B 278 14.67 -22.40 -16.26
CA PRO B 278 14.52 -21.75 -14.95
C PRO B 278 15.12 -20.36 -14.90
N VAL B 279 14.49 -19.50 -14.12
CA VAL B 279 14.96 -18.13 -13.92
C VAL B 279 14.80 -17.79 -12.45
N ASP B 280 15.75 -17.02 -11.93
CA ASP B 280 15.67 -16.58 -10.55
C ASP B 280 14.83 -15.31 -10.43
N VAL B 281 14.34 -15.05 -9.22
CA VAL B 281 13.39 -13.94 -9.05
C VAL B 281 14.05 -12.59 -9.34
N LYS B 282 15.32 -12.43 -9.01
CA LYS B 282 16.00 -11.17 -9.27
C LYS B 282 16.06 -10.86 -10.75
N THR B 283 16.31 -11.88 -11.57
CA THR B 283 16.35 -11.67 -13.01
C THR B 283 14.99 -11.26 -13.56
N VAL B 284 13.91 -11.86 -13.04
CA VAL B 284 12.57 -11.47 -13.48
C VAL B 284 12.29 -10.02 -13.13
N VAL B 285 12.63 -9.61 -11.91
CA VAL B 285 12.44 -8.22 -11.50
C VAL B 285 13.23 -7.29 -12.40
N ASP B 286 14.52 -7.58 -12.58
CA ASP B 286 15.38 -6.72 -13.40
C ASP B 286 14.97 -6.75 -14.88
N GLY B 287 14.40 -7.86 -15.34
CA GLY B 287 13.96 -7.99 -16.71
C GLY B 287 12.57 -7.46 -16.99
N SER B 288 11.94 -6.81 -16.02
CA SER B 288 10.60 -6.25 -16.19
C SER B 288 10.50 -4.85 -15.62
N ASP B 289 11.63 -4.17 -15.42
CA ASP B 289 11.65 -2.82 -14.87
C ASP B 289 11.26 -1.80 -15.93
N VAL B 297 18.40 -2.78 -27.51
CA VAL B 297 17.62 -3.92 -27.96
C VAL B 297 18.27 -4.61 -29.15
N ALA B 298 18.22 -5.95 -29.16
CA ALA B 298 18.76 -6.76 -30.23
C ALA B 298 17.61 -7.50 -30.91
N GLU B 299 17.50 -7.36 -32.22
CA GLU B 299 16.46 -8.06 -32.95
C GLU B 299 16.74 -9.55 -32.95
N VAL B 300 15.71 -10.35 -32.68
CA VAL B 300 15.78 -11.79 -32.90
C VAL B 300 15.40 -11.99 -34.37
N ASN B 301 16.41 -12.04 -35.23
CA ASN B 301 16.20 -12.11 -36.67
C ASN B 301 17.05 -13.24 -37.23
N PRO B 302 16.45 -14.33 -37.67
CA PRO B 302 14.99 -14.52 -37.71
C PRO B 302 14.37 -14.77 -36.33
N PRO B 303 13.07 -14.55 -36.19
CA PRO B 303 12.41 -14.72 -34.89
C PRO B 303 12.46 -16.18 -34.44
N ALA B 304 12.16 -16.37 -33.16
CA ALA B 304 12.06 -17.72 -32.64
C ALA B 304 10.63 -18.01 -32.20
N PRO B 305 10.14 -19.22 -32.40
CA PRO B 305 8.79 -19.58 -31.95
C PRO B 305 8.74 -19.70 -30.44
N PRO B 306 7.56 -19.89 -29.86
CA PRO B 306 7.45 -19.96 -28.40
C PRO B 306 8.39 -21.01 -27.80
N VAL B 307 8.99 -20.64 -26.66
CA VAL B 307 9.80 -21.54 -25.86
C VAL B 307 8.96 -21.98 -24.65
N LYS B 308 8.67 -23.28 -24.57
CA LYS B 308 7.84 -23.78 -23.48
C LYS B 308 8.50 -23.54 -22.13
N ALA B 309 9.82 -23.69 -22.06
CA ALA B 309 10.58 -23.41 -20.84
C ALA B 309 10.81 -21.91 -20.72
N SER B 310 9.71 -21.19 -20.46
CA SER B 310 9.72 -19.75 -20.27
C SER B 310 8.90 -19.38 -19.05
N TRP B 311 9.32 -18.32 -18.39
CA TRP B 311 8.48 -17.53 -17.50
C TRP B 311 7.83 -16.47 -18.38
N VAL B 312 6.52 -16.59 -18.59
CA VAL B 312 5.76 -15.69 -19.46
C VAL B 312 4.93 -14.80 -18.56
N HIS B 313 5.00 -13.48 -18.76
CA HIS B 313 4.32 -12.61 -17.80
C HIS B 313 3.98 -11.24 -18.39
N LYS B 314 3.16 -10.50 -17.63
CA LYS B 314 2.87 -9.11 -17.96
C LYS B 314 2.35 -8.41 -16.72
N THR B 315 2.91 -7.25 -16.42
CA THR B 315 2.39 -6.35 -15.39
C THR B 315 1.44 -5.35 -16.04
N GLY B 316 0.47 -4.87 -15.27
CA GLY B 316 -0.37 -3.80 -15.78
C GLY B 316 -0.93 -2.93 -14.69
N SER B 317 -1.02 -1.63 -14.94
CA SER B 317 -1.51 -0.72 -13.93
C SER B 317 -2.39 0.33 -14.57
N THR B 318 -3.36 0.78 -13.80
CA THR B 318 -4.05 2.05 -14.02
C THR B 318 -3.83 2.90 -12.77
N GLY B 319 -4.42 4.09 -12.75
CA GLY B 319 -4.27 4.94 -11.58
C GLY B 319 -4.62 4.23 -10.27
N GLY B 320 -5.68 3.41 -10.29
CA GLY B 320 -6.16 2.78 -9.09
C GLY B 320 -6.03 1.27 -9.00
N PHE B 321 -5.42 0.61 -9.99
CA PHE B 321 -5.37 -0.85 -10.03
C PHE B 321 -3.98 -1.35 -10.38
N GLY B 322 -3.64 -2.51 -9.83
CA GLY B 322 -2.40 -3.19 -10.17
C GLY B 322 -2.66 -4.65 -10.44
N SER B 323 -2.32 -5.13 -11.63
N SER B 323 -2.34 -5.13 -11.63
CA SER B 323 -2.56 -6.50 -12.05
CA SER B 323 -2.54 -6.51 -12.01
C SER B 323 -1.26 -7.16 -12.50
C SER B 323 -1.22 -7.16 -12.37
N TYR B 324 -1.24 -8.49 -12.41
CA TYR B 324 -0.06 -9.26 -12.78
C TYR B 324 -0.51 -10.66 -13.19
N VAL B 325 0.04 -11.13 -14.29
N VAL B 325 0.03 -11.15 -14.30
CA VAL B 325 -0.14 -12.48 -14.79
CA VAL B 325 -0.19 -12.52 -14.73
C VAL B 325 1.23 -13.09 -15.02
C VAL B 325 1.15 -13.13 -15.11
N ALA B 326 1.38 -14.38 -14.70
CA ALA B 326 2.60 -15.10 -15.03
C ALA B 326 2.29 -16.59 -15.13
N PHE B 327 2.96 -17.27 -16.06
CA PHE B 327 2.80 -18.71 -16.18
C PHE B 327 4.06 -19.32 -16.78
N ILE B 328 4.23 -20.61 -16.54
CA ILE B 328 5.39 -21.37 -17.01
C ILE B 328 4.84 -22.56 -17.79
N PRO B 329 4.80 -22.50 -19.13
CA PRO B 329 4.18 -23.60 -19.89
C PRO B 329 4.81 -24.96 -19.62
N GLU B 330 6.13 -25.03 -19.47
CA GLU B 330 6.79 -26.31 -19.23
C GLU B 330 6.26 -26.99 -17.98
N LYS B 331 5.94 -26.21 -16.95
CA LYS B 331 5.48 -26.74 -15.67
C LYS B 331 3.97 -26.77 -15.53
N GLN B 332 3.23 -26.16 -16.46
CA GLN B 332 1.77 -26.11 -16.40
C GLN B 332 1.28 -25.50 -15.09
N ILE B 333 1.92 -24.40 -14.69
CA ILE B 333 1.50 -23.62 -13.52
C ILE B 333 1.40 -22.15 -13.92
N GLY B 334 0.48 -21.44 -13.30
CA GLY B 334 0.29 -20.03 -13.61
C GLY B 334 -0.45 -19.33 -12.51
N ILE B 335 -0.47 -18.00 -12.60
CA ILE B 335 -1.09 -17.18 -11.55
C ILE B 335 -1.62 -15.89 -12.15
N VAL B 336 -2.73 -15.42 -11.58
CA VAL B 336 -3.33 -14.12 -11.83
C VAL B 336 -3.49 -13.44 -10.49
N MET B 337 -3.03 -12.19 -10.41
N MET B 337 -3.04 -12.18 -10.39
CA MET B 337 -3.22 -11.37 -9.22
CA MET B 337 -3.24 -11.38 -9.19
C MET B 337 -3.85 -10.05 -9.65
C MET B 337 -3.83 -10.03 -9.59
N LEU B 338 -5.07 -9.80 -9.18
CA LEU B 338 -5.79 -8.56 -9.46
C LEU B 338 -5.95 -7.78 -8.16
N ALA B 339 -5.62 -6.51 -8.18
CA ALA B 339 -5.67 -5.68 -6.98
C ALA B 339 -6.23 -4.31 -7.33
N ASN B 340 -6.98 -3.72 -6.39
CA ASN B 340 -7.53 -2.38 -6.59
C ASN B 340 -6.71 -1.31 -5.89
N LYS B 341 -5.39 -1.47 -5.91
CA LYS B 341 -4.43 -0.40 -5.72
C LYS B 341 -3.21 -0.75 -6.58
N SER B 342 -2.60 0.26 -7.19
CA SER B 342 -1.38 0.05 -7.97
C SER B 342 -0.19 0.06 -7.00
N TYR B 343 0.41 -1.10 -6.80
CA TYR B 343 1.53 -1.28 -5.89
C TYR B 343 2.77 -1.70 -6.68
N PRO B 344 3.98 -1.63 -6.13
CA PRO B 344 5.18 -1.71 -6.97
C PRO B 344 5.30 -3.01 -7.77
N ASN B 345 5.67 -2.86 -9.04
CA ASN B 345 5.87 -4.03 -9.90
C ASN B 345 6.82 -5.06 -9.31
N PRO B 346 7.96 -4.72 -8.71
CA PRO B 346 8.82 -5.79 -8.15
C PRO B 346 8.14 -6.59 -7.07
N VAL B 347 7.24 -5.95 -6.31
CA VAL B 347 6.51 -6.67 -5.28
C VAL B 347 5.52 -7.66 -5.90
N ARG B 348 4.93 -7.29 -7.04
CA ARG B 348 4.05 -8.23 -7.74
C ARG B 348 4.84 -9.46 -8.16
N VAL B 349 6.03 -9.25 -8.75
CA VAL B 349 6.84 -10.37 -9.20
C VAL B 349 7.23 -11.26 -8.02
N GLU B 350 7.73 -10.64 -6.95
N GLU B 350 7.71 -10.65 -6.93
CA GLU B 350 8.17 -11.41 -5.78
CA GLU B 350 8.18 -11.46 -5.81
C GLU B 350 7.03 -12.22 -5.18
C GLU B 350 7.04 -12.20 -5.12
N THR B 351 5.83 -11.64 -5.14
CA THR B 351 4.67 -12.33 -4.59
C THR B 351 4.27 -13.50 -5.46
N ALA B 352 4.17 -13.27 -6.78
CA ALA B 352 3.82 -14.35 -7.69
C ALA B 352 4.85 -15.46 -7.63
N TYR B 353 6.13 -15.09 -7.60
CA TYR B 353 7.20 -16.10 -7.56
C TYR B 353 7.11 -16.94 -6.29
N ARG B 354 6.90 -16.29 -5.14
N ARG B 354 6.88 -16.29 -5.14
CA ARG B 354 6.78 -17.02 -3.88
CA ARG B 354 6.76 -17.00 -3.87
C ARG B 354 5.70 -18.09 -3.96
C ARG B 354 5.68 -18.07 -3.93
N ILE B 355 4.57 -17.78 -4.59
CA ILE B 355 3.47 -18.74 -4.68
C ILE B 355 3.77 -19.82 -5.70
N LEU B 356 4.16 -19.41 -6.91
CA LEU B 356 4.39 -20.37 -7.99
C LEU B 356 5.55 -21.30 -7.68
N GLU B 357 6.57 -20.82 -6.98
N GLU B 357 6.56 -20.81 -6.95
CA GLU B 357 7.72 -21.66 -6.70
CA GLU B 357 7.75 -21.61 -6.61
C GLU B 357 7.35 -22.90 -5.90
C GLU B 357 7.36 -22.88 -5.87
N THR B 358 6.27 -22.86 -5.12
CA THR B 358 5.84 -24.01 -4.34
C THR B 358 5.16 -25.08 -5.18
N LEU B 359 4.89 -24.80 -6.46
CA LEU B 359 4.11 -25.69 -7.31
C LEU B 359 4.93 -26.35 -8.42
N GLN B 360 6.23 -26.11 -8.49
CA GLN B 360 7.05 -26.67 -9.57
C GLN B 360 7.51 -28.08 -9.23
#